data_7VDR
#
_entry.id   7VDR
#
_cell.length_a   117.830
_cell.length_b   117.830
_cell.length_c   154.930
_cell.angle_alpha   90.000
_cell.angle_beta   90.000
_cell.angle_gamma   120.000
#
_symmetry.space_group_name_H-M   'P 32 2 1'
#
loop_
_entity.id
_entity.type
_entity.pdbx_description
1 polymer 'Cyclin-dependent-like kinase 5'
2 polymer 'Cyclin-dependent kinase 5 activator 1, p25'
3 non-polymer (1R)-1-[7-[(2-fluoranyl-4-pyrazol-1-yl-phenyl)amino]-1,6-naphthyridin-2-yl]-1-(1-methylpiperidin-4-yl)ethanol
4 non-polymer 'TRIETHYLENE GLYCOL'
5 non-polymer 1,2-ETHANEDIOL
6 water water
#
loop_
_entity_poly.entity_id
_entity_poly.type
_entity_poly.pdbx_seq_one_letter_code
_entity_poly.pdbx_strand_id
1 'polypeptide(L)'
;SQKYEKLEKIGEGTYGTVFKAKNRETHEIVALKRVRLDDDDEGVPSSALREICLLKELKHKNIVRLHDVLHSDKKLTLVF
EFCDQDLKKYFDSCNGDLDPEIVKSFLFQLLKGLGFCHSRNVLHRDLKPQNLLINRNGELKLADFGLARAFGIPVRCYSA
EVVTLWYRPPDVLFGAKLYSTSIDMWSAGCIFAELANAGRPLFPGNDVDDQLKRIFRLLGTPTEEQWPSMTKLPDYKPYP
MYPATTSLVNVVPKLNATGRDLLQNLLKCNPVQRISAEEALQHPYFSDFCPP
;
A,B
2 'polypeptide(L)'
;MQPPPAQPPAPPASQLSGSQTGGSSSVKKAPHPAVTSAGTPKRVIVQASTSELLRCLGEFLCRRCYRLKHLSPTDPVLWL
RSVDRSLLLQGWQDQGFITPANVVFLYMLCRDVISSEVGSDHELQAVLLTCLYLSYSYMGNEISYPLKPFLVESCKEAFW
DRCLSVINLMSSKMLQINADPHYFTQVFSDLKNESGQEDKKRLLLGLDR
;
C,D
#
loop_
_chem_comp.id
_chem_comp.type
_chem_comp.name
_chem_comp.formula
63I non-polymer (1R)-1-[7-[(2-fluoranyl-4-pyrazol-1-yl-phenyl)amino]-1,6-naphthyridin-2-yl]-1-(1-methylpiperidin-4-yl)ethanol 'C25 H27 F N6 O'
EDO non-polymer 1,2-ETHANEDIOL 'C2 H6 O2'
PGE non-polymer 'TRIETHYLENE GLYCOL' 'C6 H14 O4'
#
# COMPACT_ATOMS: atom_id res chain seq x y z
N GLN A 2 -10.52 -18.96 8.04
CA GLN A 2 -11.10 -20.09 8.81
C GLN A 2 -10.04 -20.72 9.73
N LYS A 3 -8.82 -20.94 9.24
CA LYS A 3 -7.70 -21.47 10.06
C LYS A 3 -7.01 -20.32 10.80
N TYR A 4 -7.24 -19.07 10.38
CA TYR A 4 -6.52 -17.86 10.88
C TYR A 4 -7.51 -16.75 11.20
N GLU A 5 -7.45 -16.21 12.42
CA GLU A 5 -8.21 -15.02 12.88
C GLU A 5 -7.37 -13.78 12.56
N LYS A 6 -7.85 -12.91 11.70
CA LYS A 6 -7.19 -11.60 11.38
C LYS A 6 -7.33 -10.66 12.57
N LEU A 7 -6.22 -10.11 13.06
CA LEU A 7 -6.17 -9.20 14.24
C LEU A 7 -6.29 -7.75 13.77
N GLU A 8 -5.53 -7.37 12.74
CA GLU A 8 -5.46 -5.97 12.24
C GLU A 8 -4.73 -5.94 10.90
N LYS A 9 -4.98 -4.88 10.13
CA LYS A 9 -4.26 -4.55 8.86
C LYS A 9 -2.82 -4.16 9.22
N ILE A 10 -1.87 -4.42 8.32
CA ILE A 10 -0.46 -3.94 8.41
C ILE A 10 -0.20 -2.95 7.25
N GLY A 11 -0.66 -3.30 6.05
CA GLY A 11 -0.68 -2.41 4.86
C GLY A 11 -1.39 -3.05 3.67
N GLU A 12 -1.31 -2.41 2.50
CA GLU A 12 -1.97 -2.88 1.24
C GLU A 12 -1.55 -2.00 0.04
N GLY A 13 -1.27 -2.64 -1.11
CA GLY A 13 -1.01 -2.01 -2.41
C GLY A 13 -1.34 -2.95 -3.57
N THR A 14 -0.69 -2.77 -4.73
CA THR A 14 -0.73 -3.71 -5.91
C THR A 14 -0.26 -5.11 -5.45
N TYR A 15 0.72 -5.17 -4.55
CA TYR A 15 1.23 -6.42 -3.91
C TYR A 15 0.02 -7.20 -3.36
N GLY A 16 -0.74 -6.55 -2.47
CA GLY A 16 -1.92 -7.12 -1.81
C GLY A 16 -2.07 -6.66 -0.38
N THR A 17 -3.17 -7.08 0.24
CA THR A 17 -3.56 -6.78 1.64
C THR A 17 -2.86 -7.74 2.60
N VAL A 18 -2.31 -7.18 3.67
CA VAL A 18 -1.43 -7.83 4.67
C VAL A 18 -2.04 -7.63 6.05
N PHE A 19 -2.22 -8.71 6.83
CA PHE A 19 -2.82 -8.69 8.18
C PHE A 19 -1.90 -9.39 9.18
N LYS A 20 -1.87 -8.87 10.41
CA LYS A 20 -1.44 -9.62 11.61
C LYS A 20 -2.56 -10.61 11.92
N ALA A 21 -2.23 -11.89 12.11
CA ALA A 21 -3.23 -12.96 12.30
C ALA A 21 -2.76 -13.93 13.37
N LYS A 22 -3.66 -14.79 13.81
CA LYS A 22 -3.48 -15.79 14.89
C LYS A 22 -3.96 -17.13 14.34
N ASN A 23 -3.08 -18.14 14.31
CA ASN A 23 -3.44 -19.55 14.00
C ASN A 23 -4.49 -19.99 15.03
N ARG A 24 -5.73 -20.24 14.60
CA ARG A 24 -6.86 -20.59 15.52
C ARG A 24 -6.52 -21.86 16.32
N GLU A 25 -5.70 -22.74 15.75
CA GLU A 25 -5.36 -24.08 16.31
C GLU A 25 -4.26 -23.93 17.36
N THR A 26 -3.12 -23.33 17.01
CA THR A 26 -1.88 -23.26 17.83
C THR A 26 -1.72 -21.92 18.56
N HIS A 27 -2.55 -20.93 18.25
CA HIS A 27 -2.60 -19.57 18.85
C HIS A 27 -1.29 -18.79 18.59
N GLU A 28 -0.55 -19.13 17.53
CA GLU A 28 0.71 -18.44 17.16
C GLU A 28 0.38 -17.23 16.27
N ILE A 29 1.08 -16.11 16.49
CA ILE A 29 0.98 -14.84 15.71
C ILE A 29 1.81 -14.98 14.42
N VAL A 30 1.17 -14.72 13.28
CA VAL A 30 1.78 -14.79 11.91
C VAL A 30 1.35 -13.56 11.11
N ALA A 31 1.98 -13.35 9.95
CA ALA A 31 1.60 -12.30 8.96
C ALA A 31 0.98 -13.01 7.75
N LEU A 32 -0.19 -12.55 7.32
CA LEU A 32 -0.95 -13.09 6.18
C LEU A 32 -0.97 -12.07 5.04
N LYS A 33 -0.54 -12.48 3.84
CA LYS A 33 -0.75 -11.73 2.57
C LYS A 33 -1.83 -12.44 1.76
N ARG A 34 -3.01 -11.82 1.61
CA ARG A 34 -4.10 -12.31 0.73
C ARG A 34 -3.84 -11.75 -0.68
N VAL A 35 -3.84 -12.64 -1.67
CA VAL A 35 -3.61 -12.33 -3.10
C VAL A 35 -4.85 -12.78 -3.87
N ARG A 36 -5.58 -11.81 -4.46
CA ARG A 36 -6.84 -12.03 -5.23
C ARG A 36 -6.50 -12.69 -6.56
N LEU A 37 -7.26 -13.70 -6.96
CA LEU A 37 -7.02 -14.52 -8.18
C LEU A 37 -8.11 -14.20 -9.21
N ASP A 38 -9.05 -13.31 -8.85
CA ASP A 38 -10.32 -13.05 -9.58
C ASP A 38 -10.07 -12.14 -10.80
N ASP A 39 -9.00 -11.34 -10.80
CA ASP A 39 -8.67 -10.43 -11.94
C ASP A 39 -7.73 -11.15 -12.92
N ASP A 40 -8.32 -11.96 -13.80
CA ASP A 40 -7.67 -12.71 -14.92
C ASP A 40 -6.89 -11.79 -15.85
N ASP A 41 -7.22 -10.48 -15.88
CA ASP A 41 -6.69 -9.50 -16.87
C ASP A 41 -5.55 -8.66 -16.26
N GLU A 42 -5.08 -8.97 -15.05
CA GLU A 42 -3.81 -8.41 -14.50
C GLU A 42 -2.95 -9.53 -13.89
N GLY A 43 -1.68 -9.23 -13.62
CA GLY A 43 -0.63 -10.25 -13.39
C GLY A 43 -0.22 -10.39 -11.93
N VAL A 44 -1.01 -9.93 -10.96
CA VAL A 44 -0.63 -9.93 -9.51
C VAL A 44 -0.28 -11.36 -9.07
N PRO A 45 -1.12 -12.38 -9.34
CA PRO A 45 -0.81 -13.75 -8.95
C PRO A 45 0.56 -14.28 -9.43
N SER A 46 0.93 -13.95 -10.67
CA SER A 46 2.22 -14.32 -11.33
C SER A 46 3.41 -14.01 -10.41
N SER A 47 3.42 -12.82 -9.82
CA SER A 47 4.53 -12.32 -8.97
C SER A 47 4.53 -13.03 -7.61
N ALA A 48 3.33 -13.34 -7.09
CA ALA A 48 3.16 -14.04 -5.79
C ALA A 48 3.74 -15.46 -5.92
N LEU A 49 3.45 -16.17 -7.00
CA LEU A 49 3.95 -17.55 -7.25
C LEU A 49 5.47 -17.54 -7.40
N ARG A 50 6.06 -16.49 -7.96
CA ARG A 50 7.54 -16.33 -8.05
C ARG A 50 8.09 -16.24 -6.64
N GLU A 51 7.50 -15.38 -5.80
CA GLU A 51 7.92 -15.21 -4.39
C GLU A 51 7.83 -16.56 -3.66
N ILE A 52 6.73 -17.29 -3.85
CA ILE A 52 6.51 -18.63 -3.24
C ILE A 52 7.63 -19.58 -3.67
N CYS A 53 7.95 -19.70 -4.96
CA CYS A 53 9.00 -20.61 -5.47
C CYS A 53 10.37 -20.31 -4.85
N LEU A 54 10.68 -19.02 -4.63
CA LEU A 54 12.01 -18.58 -4.17
C LEU A 54 12.10 -18.78 -2.65
N LEU A 55 11.09 -18.31 -1.92
CA LEU A 55 11.09 -18.34 -0.43
C LEU A 55 11.04 -19.79 0.09
N LYS A 56 10.49 -20.73 -0.67
CA LYS A 56 10.48 -22.18 -0.31
C LYS A 56 11.92 -22.69 -0.24
N GLU A 57 12.84 -22.05 -0.96
CA GLU A 57 14.26 -22.46 -1.11
C GLU A 57 15.20 -21.48 -0.40
N LEU A 58 14.68 -20.50 0.35
CA LEU A 58 15.50 -19.48 1.07
C LEU A 58 15.10 -19.47 2.54
N LYS A 59 15.65 -20.41 3.30
CA LYS A 59 15.41 -20.60 4.75
C LYS A 59 16.66 -20.14 5.49
N HIS A 60 16.58 -18.95 6.07
CA HIS A 60 17.68 -18.29 6.81
C HIS A 60 17.05 -17.32 7.81
N LYS A 61 17.67 -17.14 8.97
CA LYS A 61 17.09 -16.36 10.10
C LYS A 61 16.93 -14.88 9.68
N ASN A 62 17.66 -14.44 8.64
CA ASN A 62 17.67 -13.05 8.13
C ASN A 62 16.97 -12.94 6.78
N ILE A 63 16.22 -13.97 6.38
CA ILE A 63 15.23 -13.89 5.28
C ILE A 63 13.86 -14.24 5.85
N VAL A 64 12.85 -13.45 5.48
CA VAL A 64 11.46 -13.60 6.01
C VAL A 64 11.03 -15.03 5.72
N ARG A 65 10.57 -15.75 6.74
CA ARG A 65 10.18 -17.17 6.60
C ARG A 65 8.74 -17.25 6.08
N LEU A 66 8.54 -17.90 4.92
CA LEU A 66 7.22 -18.32 4.44
C LEU A 66 6.91 -19.67 5.08
N HIS A 67 5.87 -19.74 5.92
CA HIS A 67 5.49 -20.93 6.71
C HIS A 67 4.59 -21.82 5.86
N ASP A 68 3.69 -21.23 5.08
CA ASP A 68 2.61 -21.98 4.40
C ASP A 68 1.98 -21.12 3.30
N VAL A 69 1.33 -21.79 2.35
CA VAL A 69 0.50 -21.16 1.28
C VAL A 69 -0.84 -21.88 1.22
N LEU A 70 -1.92 -21.17 1.57
CA LEU A 70 -3.31 -21.71 1.52
C LEU A 70 -4.04 -21.15 0.29
N HIS A 71 -4.89 -21.98 -0.31
CA HIS A 71 -5.82 -21.62 -1.41
C HIS A 71 -7.25 -21.90 -0.97
N SER A 72 -7.99 -20.86 -0.60
CA SER A 72 -9.41 -20.89 -0.17
C SER A 72 -10.14 -19.65 -0.70
N ASP A 73 -11.42 -19.80 -1.05
CA ASP A 73 -12.20 -18.79 -1.81
C ASP A 73 -11.47 -18.52 -3.13
N LYS A 74 -11.62 -17.32 -3.69
CA LYS A 74 -10.91 -16.89 -4.92
C LYS A 74 -9.68 -16.09 -4.48
N LYS A 75 -8.92 -16.62 -3.52
CA LYS A 75 -7.77 -15.94 -2.87
C LYS A 75 -6.64 -16.94 -2.60
N LEU A 76 -5.41 -16.43 -2.60
CA LEU A 76 -4.18 -17.11 -2.15
C LEU A 76 -3.76 -16.46 -0.83
N THR A 77 -3.42 -17.25 0.18
CA THR A 77 -2.92 -16.72 1.48
C THR A 77 -1.49 -17.22 1.70
N LEU A 78 -0.52 -16.30 1.69
CA LEU A 78 0.88 -16.55 2.08
C LEU A 78 0.98 -16.31 3.59
N VAL A 79 1.38 -17.34 4.34
CA VAL A 79 1.57 -17.25 5.82
C VAL A 79 3.07 -17.06 6.06
N PHE A 80 3.44 -15.87 6.56
CA PHE A 80 4.81 -15.51 6.96
C PHE A 80 4.90 -15.45 8.49
N GLU A 81 6.12 -15.58 9.01
CA GLU A 81 6.45 -15.18 10.39
C GLU A 81 6.01 -13.71 10.57
N PHE A 82 5.58 -13.34 11.77
CA PHE A 82 5.23 -11.94 12.09
C PHE A 82 6.49 -11.16 12.48
N CYS A 83 6.62 -9.95 11.94
CA CYS A 83 7.67 -8.97 12.31
C CYS A 83 7.01 -7.71 12.84
N ASP A 84 7.66 -7.04 13.80
CA ASP A 84 7.08 -5.91 14.58
C ASP A 84 6.86 -4.73 13.66
N GLN A 85 7.76 -4.48 12.71
CA GLN A 85 7.68 -3.31 11.79
C GLN A 85 8.65 -3.49 10.63
N ASP A 86 8.71 -2.51 9.72
CA ASP A 86 9.78 -2.38 8.71
C ASP A 86 10.70 -1.22 9.11
N LEU A 87 11.84 -1.09 8.44
CA LEU A 87 12.91 -0.12 8.79
C LEU A 87 12.39 1.31 8.57
N LYS A 88 11.42 1.49 7.67
CA LYS A 88 10.78 2.79 7.36
C LYS A 88 10.07 3.28 8.62
N LYS A 89 9.23 2.44 9.25
CA LYS A 89 8.48 2.83 10.47
C LYS A 89 9.48 2.97 11.64
N TYR A 90 10.51 2.13 11.68
CA TYR A 90 11.55 2.17 12.73
C TYR A 90 12.25 3.54 12.72
N PHE A 91 12.61 4.05 11.53
CA PHE A 91 13.28 5.37 11.35
C PHE A 91 12.37 6.49 11.87
N ASP A 92 11.08 6.42 11.56
CA ASP A 92 10.08 7.40 12.06
C ASP A 92 9.95 7.27 13.59
N SER A 93 10.10 6.07 14.14
CA SER A 93 9.86 5.75 15.59
C SER A 93 10.96 6.36 16.46
N CYS A 94 12.16 6.54 15.90
CA CYS A 94 13.39 6.84 16.67
C CYS A 94 14.10 8.06 16.08
N ASN A 95 13.37 8.92 15.36
CA ASN A 95 13.88 10.23 14.91
C ASN A 95 15.01 10.06 13.89
N GLY A 96 14.99 8.95 13.14
CA GLY A 96 16.04 8.51 12.19
C GLY A 96 17.40 8.32 12.85
N ASP A 97 17.44 8.22 14.17
CA ASP A 97 18.67 8.25 15.02
C ASP A 97 18.93 6.85 15.62
N LEU A 98 19.96 6.15 15.13
CA LEU A 98 20.38 4.79 15.58
C LEU A 98 21.70 4.88 16.36
N ASP A 99 21.88 4.07 17.41
CA ASP A 99 23.20 3.83 18.06
C ASP A 99 24.11 3.15 17.04
N PRO A 100 25.40 3.57 16.93
CA PRO A 100 26.34 2.95 15.99
C PRO A 100 26.34 1.42 15.95
N GLU A 101 26.03 0.76 17.08
CA GLU A 101 26.03 -0.72 17.20
C GLU A 101 24.75 -1.28 16.58
N ILE A 102 23.65 -0.52 16.55
CA ILE A 102 22.40 -0.92 15.82
C ILE A 102 22.64 -0.76 14.32
N VAL A 103 23.31 0.31 13.90
CA VAL A 103 23.77 0.48 12.49
C VAL A 103 24.51 -0.81 12.12
N LYS A 104 25.50 -1.21 12.91
CA LYS A 104 26.39 -2.38 12.68
C LYS A 104 25.57 -3.68 12.70
N SER A 105 24.65 -3.83 13.64
CA SER A 105 23.82 -5.06 13.80
C SER A 105 22.91 -5.22 12.58
N PHE A 106 22.27 -4.13 12.13
CA PHE A 106 21.31 -4.14 11.00
C PHE A 106 22.03 -4.44 9.67
N LEU A 107 23.15 -3.77 9.38
CA LEU A 107 23.91 -4.06 8.13
C LEU A 107 24.36 -5.53 8.15
N PHE A 108 24.89 -5.99 9.27
CA PHE A 108 25.41 -7.37 9.46
C PHE A 108 24.35 -8.41 9.08
N GLN A 109 23.14 -8.23 9.60
CA GLN A 109 22.03 -9.18 9.39
C GLN A 109 21.60 -9.11 7.93
N LEU A 110 21.55 -7.90 7.36
CA LEU A 110 21.18 -7.68 5.95
C LEU A 110 22.19 -8.41 5.06
N LEU A 111 23.50 -8.24 5.31
CA LEU A 111 24.57 -8.89 4.49
C LEU A 111 24.51 -10.41 4.62
N LYS A 112 24.17 -10.94 5.79
CA LYS A 112 24.04 -12.41 6.01
C LYS A 112 22.87 -12.94 5.18
N GLY A 113 21.71 -12.28 5.25
CA GLY A 113 20.53 -12.64 4.44
C GLY A 113 20.82 -12.53 2.95
N LEU A 114 21.43 -11.42 2.54
CA LEU A 114 21.87 -11.13 1.15
C LEU A 114 22.88 -12.17 0.68
N GLY A 115 23.91 -12.43 1.48
CA GLY A 115 24.93 -13.45 1.18
C GLY A 115 24.32 -14.82 1.00
N PHE A 116 23.33 -15.16 1.82
CA PHE A 116 22.58 -16.43 1.67
C PHE A 116 21.88 -16.49 0.30
N CYS A 117 21.15 -15.43 -0.09
CA CYS A 117 20.43 -15.34 -1.41
C CYS A 117 21.41 -15.56 -2.57
N HIS A 118 22.50 -14.80 -2.57
CA HIS A 118 23.48 -14.78 -3.68
C HIS A 118 24.09 -16.17 -3.84
N SER A 119 24.46 -16.82 -2.74
CA SER A 119 25.05 -18.20 -2.73
C SER A 119 24.01 -19.22 -3.21
N ARG A 120 22.71 -18.93 -3.08
CA ARG A 120 21.62 -19.83 -3.55
C ARG A 120 21.20 -19.43 -4.97
N ASN A 121 21.91 -18.49 -5.59
CA ASN A 121 21.71 -18.05 -6.99
C ASN A 121 20.39 -17.29 -7.15
N VAL A 122 20.09 -16.40 -6.20
CA VAL A 122 18.90 -15.51 -6.25
C VAL A 122 19.35 -14.06 -6.12
N LEU A 123 18.88 -13.20 -7.03
CA LEU A 123 19.00 -11.72 -6.93
C LEU A 123 17.72 -11.21 -6.26
N HIS A 124 17.82 -10.29 -5.30
CA HIS A 124 16.64 -9.68 -4.64
C HIS A 124 16.02 -8.62 -5.54
N ARG A 125 16.80 -7.59 -5.89
CA ARG A 125 16.46 -6.56 -6.91
C ARG A 125 15.40 -5.58 -6.39
N ASP A 126 15.11 -5.53 -5.09
CA ASP A 126 14.12 -4.58 -4.52
C ASP A 126 14.50 -4.24 -3.07
N LEU A 127 15.80 -4.14 -2.77
CA LEU A 127 16.28 -3.68 -1.45
C LEU A 127 15.83 -2.23 -1.24
N LYS A 128 15.10 -1.98 -0.17
CA LYS A 128 14.73 -0.63 0.29
C LYS A 128 14.26 -0.78 1.71
N PRO A 129 14.23 0.29 2.52
CA PRO A 129 13.92 0.16 3.95
C PRO A 129 12.59 -0.56 4.23
N GLN A 130 11.56 -0.33 3.40
CA GLN A 130 10.20 -0.94 3.52
C GLN A 130 10.27 -2.47 3.41
N ASN A 131 11.29 -3.03 2.75
CA ASN A 131 11.49 -4.49 2.53
C ASN A 131 12.46 -5.08 3.56
N LEU A 132 12.91 -4.28 4.53
CA LEU A 132 13.64 -4.79 5.72
C LEU A 132 12.68 -4.81 6.92
N LEU A 133 12.39 -6.00 7.43
CA LEU A 133 11.49 -6.23 8.59
C LEU A 133 12.34 -6.23 9.86
N ILE A 134 11.92 -5.47 10.88
CA ILE A 134 12.66 -5.28 12.16
C ILE A 134 11.80 -5.79 13.32
N ASN A 135 12.38 -6.64 14.16
CA ASN A 135 11.75 -7.14 15.41
C ASN A 135 12.28 -6.28 16.57
N ARG A 136 11.50 -6.20 17.66
CA ARG A 136 11.84 -5.42 18.88
C ARG A 136 13.08 -6.02 19.56
N ASN A 137 13.34 -7.31 19.36
CA ASN A 137 14.53 -8.01 19.90
C ASN A 137 15.78 -7.68 19.07
N GLY A 138 15.66 -6.90 17.99
CA GLY A 138 16.81 -6.42 17.18
C GLY A 138 17.03 -7.23 15.91
N GLU A 139 16.20 -8.24 15.63
CA GLU A 139 16.34 -9.09 14.43
C GLU A 139 15.94 -8.28 13.18
N LEU A 140 16.61 -8.52 12.06
CA LEU A 140 16.26 -7.95 10.74
C LEU A 140 16.06 -9.11 9.76
N LYS A 141 15.04 -9.03 8.92
CA LYS A 141 14.81 -10.02 7.85
C LYS A 141 14.65 -9.27 6.53
N LEU A 142 15.36 -9.72 5.51
CA LEU A 142 15.13 -9.35 4.10
C LEU A 142 13.78 -9.93 3.67
N ALA A 143 12.89 -9.10 3.15
CA ALA A 143 11.53 -9.50 2.72
C ALA A 143 11.24 -9.02 1.30
N ASP A 144 10.10 -9.49 0.76
CA ASP A 144 9.48 -9.06 -0.51
C ASP A 144 10.35 -9.52 -1.69
N PHE A 145 10.12 -10.77 -2.14
CA PHE A 145 10.86 -11.40 -3.26
C PHE A 145 9.98 -11.40 -4.52
N GLY A 146 9.05 -10.45 -4.59
CA GLY A 146 8.11 -10.27 -5.71
C GLY A 146 8.82 -9.82 -6.97
N LEU A 147 10.02 -9.24 -6.83
CA LEU A 147 10.85 -8.73 -7.95
C LEU A 147 12.13 -9.58 -8.08
N ALA A 148 12.36 -10.51 -7.16
CA ALA A 148 13.54 -11.40 -7.10
C ALA A 148 13.57 -12.34 -8.32
N ARG A 149 14.74 -12.85 -8.69
CA ARG A 149 14.83 -13.91 -9.72
C ARG A 149 16.05 -14.79 -9.48
N ALA A 150 15.90 -16.07 -9.81
CA ALA A 150 17.00 -17.04 -9.93
C ALA A 150 17.87 -16.62 -11.12
N PHE A 151 19.16 -16.87 -11.06
CA PHE A 151 20.10 -16.57 -12.17
C PHE A 151 21.09 -17.72 -12.31
N GLY A 152 21.64 -17.87 -13.50
CA GLY A 152 22.68 -18.86 -13.84
C GLY A 152 22.63 -19.27 -15.30
N ILE A 153 21.41 -19.44 -15.83
CA ILE A 153 21.18 -19.72 -17.28
C ILE A 153 21.53 -18.46 -18.06
N PRO A 154 22.44 -18.50 -19.06
CA PRO A 154 22.75 -17.31 -19.85
C PRO A 154 21.49 -16.81 -20.60
N VAL A 155 21.31 -15.50 -20.66
CA VAL A 155 20.14 -14.83 -21.32
C VAL A 155 20.67 -13.58 -22.03
N ARG A 156 19.95 -13.08 -23.04
CA ARG A 156 20.28 -11.80 -23.74
C ARG A 156 20.35 -10.67 -22.69
N CYS A 157 19.34 -10.59 -21.84
CA CYS A 157 19.21 -9.51 -20.82
C CYS A 157 18.19 -9.89 -19.74
N TYR A 158 18.29 -9.22 -18.59
CA TYR A 158 17.25 -9.11 -17.54
C TYR A 158 16.52 -7.78 -17.73
N SER A 159 15.39 -7.58 -17.07
CA SER A 159 14.68 -6.27 -16.99
C SER A 159 15.58 -5.24 -16.29
N ALA A 160 15.60 -4.01 -16.81
CA ALA A 160 16.24 -2.82 -16.20
C ALA A 160 15.20 -2.05 -15.39
N GLU A 161 13.96 -2.55 -15.34
CA GLU A 161 12.86 -1.96 -14.53
C GLU A 161 12.85 -2.67 -13.17
N VAL A 162 13.97 -2.58 -12.46
CA VAL A 162 14.27 -3.33 -11.20
C VAL A 162 14.91 -2.36 -10.21
N VAL A 163 14.50 -2.47 -8.94
CA VAL A 163 14.93 -1.57 -7.84
C VAL A 163 14.25 -0.21 -8.07
N THR A 164 13.71 0.37 -7.00
CA THR A 164 13.17 1.74 -7.02
C THR A 164 14.34 2.71 -7.25
N LEU A 165 14.09 3.81 -7.95
CA LEU A 165 15.11 4.73 -8.51
C LEU A 165 16.24 5.03 -7.49
N TRP A 166 15.89 5.29 -6.23
CA TRP A 166 16.84 5.82 -5.23
C TRP A 166 17.89 4.78 -4.83
N TYR A 167 17.62 3.48 -5.05
CA TYR A 167 18.52 2.36 -4.66
C TYR A 167 19.09 1.63 -5.88
N ARG A 168 18.91 2.19 -7.07
CA ARG A 168 19.32 1.59 -8.36
C ARG A 168 20.75 2.02 -8.69
N PRO A 169 21.64 1.08 -9.07
CA PRO A 169 23.04 1.38 -9.34
C PRO A 169 23.32 2.00 -10.69
N PRO A 170 24.45 2.72 -10.86
CA PRO A 170 24.73 3.46 -12.08
C PRO A 170 24.70 2.60 -13.35
N ASP A 171 25.13 1.33 -13.28
CA ASP A 171 25.13 0.45 -14.47
C ASP A 171 23.69 0.25 -14.95
N VAL A 172 22.73 0.11 -14.02
CA VAL A 172 21.30 -0.18 -14.37
C VAL A 172 20.63 1.12 -14.80
N LEU A 173 20.99 2.25 -14.18
CA LEU A 173 20.56 3.61 -14.62
C LEU A 173 21.02 3.87 -16.07
N PHE A 174 22.20 3.37 -16.44
CA PHE A 174 22.77 3.49 -17.82
C PHE A 174 22.22 2.38 -18.71
N GLY A 175 21.30 1.55 -18.21
CA GLY A 175 20.47 0.61 -18.99
C GLY A 175 21.17 -0.71 -19.28
N ALA A 176 22.10 -1.15 -18.43
CA ALA A 176 22.86 -2.41 -18.62
C ALA A 176 21.87 -3.55 -18.82
N LYS A 177 22.07 -4.35 -19.87
CA LYS A 177 21.26 -5.55 -20.20
C LYS A 177 21.38 -6.55 -19.05
N LEU A 178 22.61 -6.86 -18.65
CA LEU A 178 22.93 -7.90 -17.64
C LEU A 178 23.54 -7.21 -16.41
N TYR A 179 23.24 -7.76 -15.25
CA TYR A 179 23.84 -7.42 -13.95
C TYR A 179 23.92 -8.73 -13.16
N SER A 180 24.83 -8.75 -12.19
CA SER A 180 25.11 -9.87 -11.27
C SER A 180 24.49 -9.55 -9.91
N THR A 181 24.93 -10.26 -8.87
CA THR A 181 24.60 -10.03 -7.45
C THR A 181 25.04 -8.63 -7.03
N SER A 182 25.94 -8.00 -7.79
CA SER A 182 26.41 -6.60 -7.53
C SER A 182 25.21 -5.66 -7.39
N ILE A 183 24.10 -5.92 -8.08
CA ILE A 183 22.93 -4.98 -8.10
C ILE A 183 22.46 -4.75 -6.65
N ASP A 184 22.38 -5.82 -5.85
CA ASP A 184 21.85 -5.76 -4.46
C ASP A 184 22.86 -5.09 -3.53
N MET A 185 24.15 -5.26 -3.80
CA MET A 185 25.23 -4.73 -2.93
C MET A 185 25.24 -3.21 -3.00
N TRP A 186 24.93 -2.62 -4.16
CA TRP A 186 24.75 -1.14 -4.29
C TRP A 186 23.58 -0.68 -3.38
N SER A 187 22.44 -1.35 -3.44
CA SER A 187 21.23 -1.03 -2.63
C SER A 187 21.59 -1.10 -1.14
N ALA A 188 22.40 -2.11 -0.76
CA ALA A 188 22.88 -2.34 0.62
C ALA A 188 23.71 -1.13 1.08
N GLY A 189 24.61 -0.65 0.23
CA GLY A 189 25.37 0.58 0.44
C GLY A 189 24.46 1.76 0.72
N CYS A 190 23.46 1.98 -0.12
CA CYS A 190 22.48 3.08 0.00
C CYS A 190 21.76 3.01 1.35
N ILE A 191 21.37 1.81 1.77
CA ILE A 191 20.65 1.57 3.05
C ILE A 191 21.60 1.79 4.24
N PHE A 192 22.84 1.31 4.14
CA PHE A 192 23.93 1.56 5.13
C PHE A 192 24.03 3.07 5.41
N ALA A 193 24.02 3.89 4.37
CA ALA A 193 24.14 5.36 4.47
C ALA A 193 22.96 5.92 5.25
N GLU A 194 21.76 5.36 5.08
CA GLU A 194 20.53 5.81 5.81
C GLU A 194 20.67 5.46 7.30
N LEU A 195 21.09 4.24 7.61
CA LEU A 195 21.32 3.75 9.00
C LEU A 195 22.29 4.69 9.71
N ALA A 196 23.36 5.09 9.02
CA ALA A 196 24.55 5.78 9.58
C ALA A 196 24.38 7.30 9.59
N ASN A 197 23.26 7.84 9.09
CA ASN A 197 22.96 9.29 9.19
C ASN A 197 21.64 9.45 9.95
N ALA A 198 20.55 9.89 9.30
CA ALA A 198 19.30 10.29 9.98
C ALA A 198 18.10 9.57 9.34
N GLY A 199 18.33 8.39 8.77
CA GLY A 199 17.30 7.54 8.16
C GLY A 199 16.80 8.05 6.81
N ARG A 200 17.51 8.99 6.17
CA ARG A 200 17.07 9.66 4.91
C ARG A 200 17.89 9.11 3.73
N PRO A 201 17.23 8.91 2.56
CA PRO A 201 17.89 8.36 1.39
C PRO A 201 19.06 9.26 0.93
N LEU A 202 20.17 8.63 0.58
CA LEU A 202 21.44 9.29 0.20
C LEU A 202 21.26 9.95 -1.17
N PHE A 203 20.59 9.27 -2.12
CA PHE A 203 20.47 9.69 -3.53
C PHE A 203 19.00 9.78 -3.94
N PRO A 204 18.24 10.79 -3.43
CA PRO A 204 16.82 10.91 -3.76
C PRO A 204 16.57 11.63 -5.11
N GLY A 205 16.91 10.98 -6.22
CA GLY A 205 16.73 11.57 -7.57
C GLY A 205 15.27 11.72 -7.96
N ASN A 206 14.98 12.65 -8.85
CA ASN A 206 13.65 12.93 -9.43
C ASN A 206 13.41 11.99 -10.62
N ASP A 207 14.48 11.57 -11.29
CA ASP A 207 14.47 10.74 -12.52
C ASP A 207 15.86 10.13 -12.70
N VAL A 208 16.06 9.34 -13.75
CA VAL A 208 17.32 8.63 -14.06
C VAL A 208 18.48 9.63 -14.16
N ASP A 209 18.30 10.71 -14.92
CA ASP A 209 19.35 11.73 -15.15
C ASP A 209 19.79 12.35 -13.81
N ASP A 210 18.83 12.72 -12.98
CA ASP A 210 19.08 13.38 -11.67
C ASP A 210 19.75 12.37 -10.73
N GLN A 211 19.34 11.11 -10.82
CA GLN A 211 19.84 10.02 -9.96
C GLN A 211 21.34 9.85 -10.19
N LEU A 212 21.77 9.79 -11.45
CA LEU A 212 23.19 9.63 -11.83
C LEU A 212 23.98 10.87 -11.38
N LYS A 213 23.41 12.05 -11.53
CA LYS A 213 24.08 13.32 -11.14
C LYS A 213 24.35 13.29 -9.64
N ARG A 214 23.37 12.88 -8.83
CA ARG A 214 23.51 12.87 -7.35
C ARG A 214 24.58 11.85 -6.92
N ILE A 215 24.62 10.69 -7.57
CA ILE A 215 25.65 9.64 -7.29
C ILE A 215 27.03 10.22 -7.62
N PHE A 216 27.22 10.72 -8.85
CA PHE A 216 28.54 11.18 -9.35
C PHE A 216 28.98 12.42 -8.57
N ARG A 217 28.02 13.28 -8.18
CA ARG A 217 28.30 14.54 -7.43
C ARG A 217 28.98 14.20 -6.11
N LEU A 218 28.65 13.07 -5.48
CA LEU A 218 29.19 12.67 -4.16
C LEU A 218 30.45 11.80 -4.32
N LEU A 219 30.38 10.77 -5.17
CA LEU A 219 31.42 9.71 -5.27
C LEU A 219 32.45 10.09 -6.32
N GLY A 220 32.14 11.07 -7.17
CA GLY A 220 32.98 11.43 -8.32
C GLY A 220 32.59 10.63 -9.54
N THR A 221 32.85 11.15 -10.73
CA THR A 221 32.42 10.53 -12.01
C THR A 221 33.44 9.46 -12.35
N PRO A 222 33.02 8.20 -12.58
CA PRO A 222 33.94 7.17 -13.01
C PRO A 222 34.70 7.56 -14.30
N THR A 223 36.01 7.35 -14.30
CA THR A 223 36.91 7.60 -15.45
C THR A 223 36.92 6.35 -16.36
N GLU A 224 37.49 6.46 -17.56
CA GLU A 224 37.67 5.31 -18.49
C GLU A 224 38.54 4.26 -17.78
N GLU A 225 39.50 4.72 -16.96
CA GLU A 225 40.45 3.84 -16.21
C GLU A 225 39.68 3.02 -15.16
N GLN A 226 38.81 3.65 -14.38
CA GLN A 226 37.99 3.00 -13.32
C GLN A 226 36.91 2.09 -13.92
N TRP A 227 36.32 2.47 -15.06
CA TRP A 227 35.10 1.80 -15.61
C TRP A 227 35.13 1.87 -17.13
N PRO A 228 35.97 1.04 -17.79
CA PRO A 228 36.20 1.17 -19.24
C PRO A 228 34.99 0.92 -20.15
N SER A 229 34.00 0.15 -19.71
CA SER A 229 32.84 -0.25 -20.54
C SER A 229 31.67 0.73 -20.34
N MET A 230 31.76 1.65 -19.37
CA MET A 230 30.70 2.63 -19.00
C MET A 230 30.12 3.28 -20.26
N THR A 231 30.97 3.76 -21.18
CA THR A 231 30.55 4.55 -22.38
C THR A 231 29.82 3.67 -23.39
N LYS A 232 29.99 2.35 -23.29
CA LYS A 232 29.40 1.37 -24.24
C LYS A 232 27.99 0.94 -23.77
N LEU A 233 27.53 1.37 -22.60
CA LEU A 233 26.23 0.94 -22.04
C LEU A 233 25.09 1.54 -22.88
N PRO A 234 23.96 0.81 -23.07
CA PRO A 234 22.90 1.26 -23.97
C PRO A 234 22.39 2.71 -23.79
N ASP A 235 22.16 3.14 -22.55
CA ASP A 235 21.58 4.48 -22.24
C ASP A 235 22.66 5.37 -21.62
N TYR A 236 23.92 5.12 -21.93
CA TYR A 236 25.07 5.99 -21.56
C TYR A 236 24.90 7.36 -22.21
N LYS A 237 25.17 8.42 -21.46
CA LYS A 237 25.33 9.80 -21.99
C LYS A 237 26.37 10.51 -21.14
N PRO A 238 27.18 11.44 -21.71
CA PRO A 238 28.21 12.15 -20.95
C PRO A 238 27.65 12.94 -19.76
N TYR A 239 28.25 12.75 -18.59
CA TYR A 239 27.95 13.49 -17.35
C TYR A 239 29.13 14.40 -17.06
N PRO A 240 28.93 15.47 -16.27
CA PRO A 240 30.04 16.29 -15.80
C PRO A 240 31.05 15.40 -15.08
N MET A 241 32.34 15.75 -15.13
CA MET A 241 33.40 15.08 -14.32
C MET A 241 33.45 15.77 -12.95
N TYR A 242 32.75 15.21 -11.97
CA TYR A 242 32.77 15.66 -10.55
C TYR A 242 33.97 15.02 -9.89
N PRO A 243 34.65 15.71 -8.95
CA PRO A 243 35.86 15.17 -8.33
C PRO A 243 35.55 14.01 -7.37
N ALA A 244 36.49 13.05 -7.26
CA ALA A 244 36.47 11.92 -6.30
C ALA A 244 37.03 12.33 -4.93
N THR A 245 37.29 13.62 -4.72
CA THR A 245 37.90 14.19 -3.49
C THR A 245 36.84 14.54 -2.44
N THR A 246 35.54 14.40 -2.72
CA THR A 246 34.46 14.92 -1.83
C THR A 246 34.36 14.03 -0.59
N SER A 247 34.42 14.62 0.61
CA SER A 247 34.40 13.92 1.92
C SER A 247 33.05 13.23 2.18
N LEU A 248 33.08 12.04 2.79
CA LEU A 248 31.89 11.25 3.21
C LEU A 248 31.64 11.43 4.70
N VAL A 249 32.52 12.14 5.43
CA VAL A 249 32.43 12.29 6.91
C VAL A 249 31.05 12.84 7.28
N ASN A 250 30.58 13.88 6.59
CA ASN A 250 29.33 14.59 6.97
C ASN A 250 28.11 13.85 6.40
N VAL A 251 28.30 12.97 5.43
CA VAL A 251 27.21 12.17 4.80
C VAL A 251 26.83 11.01 5.73
N VAL A 252 27.82 10.41 6.40
CA VAL A 252 27.61 9.28 7.36
C VAL A 252 28.33 9.61 8.66
N PRO A 253 27.84 10.58 9.46
CA PRO A 253 28.56 11.04 10.66
C PRO A 253 28.69 9.98 11.76
N LYS A 254 27.88 8.91 11.72
CA LYS A 254 27.88 7.82 12.74
C LYS A 254 28.96 6.78 12.42
N LEU A 255 29.60 6.86 11.25
CA LEU A 255 30.67 5.91 10.83
C LEU A 255 32.06 6.52 11.06
N ASN A 256 32.96 5.71 11.61
CA ASN A 256 34.43 5.93 11.66
C ASN A 256 35.00 5.54 10.29
N ALA A 257 36.32 5.69 10.11
CA ALA A 257 37.04 5.38 8.85
C ALA A 257 36.73 3.96 8.36
N THR A 258 36.62 3.00 9.27
CA THR A 258 36.38 1.57 8.95
C THR A 258 35.01 1.39 8.29
N GLY A 259 33.95 1.92 8.92
CA GLY A 259 32.61 1.95 8.33
C GLY A 259 32.63 2.63 6.98
N ARG A 260 33.27 3.80 6.88
CA ARG A 260 33.32 4.61 5.63
C ARG A 260 34.00 3.79 4.52
N ASP A 261 35.02 3.02 4.88
CA ASP A 261 35.73 2.14 3.90
C ASP A 261 34.76 1.08 3.38
N LEU A 262 33.98 0.44 4.24
CA LEU A 262 33.00 -0.58 3.80
C LEU A 262 31.96 0.09 2.90
N LEU A 263 31.48 1.29 3.26
CA LEU A 263 30.46 2.05 2.47
C LEU A 263 31.00 2.32 1.06
N GLN A 264 32.28 2.63 0.92
CA GLN A 264 32.88 2.96 -0.41
C GLN A 264 33.07 1.68 -1.22
N ASN A 265 33.19 0.53 -0.58
CA ASN A 265 33.35 -0.78 -1.28
C ASN A 265 31.98 -1.26 -1.77
N LEU A 266 30.90 -0.79 -1.15
CA LEU A 266 29.51 -1.12 -1.57
C LEU A 266 29.08 -0.15 -2.68
N LEU A 267 29.44 1.13 -2.56
CA LEU A 267 29.05 2.20 -3.52
C LEU A 267 30.15 2.41 -4.57
N LYS A 268 30.74 1.33 -5.11
CA LYS A 268 31.54 1.36 -6.35
C LYS A 268 30.60 1.40 -7.57
N CYS A 269 30.80 2.37 -8.46
CA CYS A 269 29.94 2.60 -9.65
C CYS A 269 30.10 1.43 -10.62
N ASN A 270 31.35 1.05 -10.90
CA ASN A 270 31.69 -0.13 -11.73
C ASN A 270 31.24 -1.37 -10.98
N PRO A 271 30.19 -2.09 -11.45
CA PRO A 271 29.61 -3.19 -10.69
C PRO A 271 30.64 -4.28 -10.36
N VAL A 272 31.61 -4.46 -11.25
CA VAL A 272 32.63 -5.54 -11.14
C VAL A 272 33.49 -5.29 -9.90
N GLN A 273 33.57 -4.05 -9.43
CA GLN A 273 34.45 -3.63 -8.30
C GLN A 273 33.66 -3.62 -6.99
N ARG A 274 32.35 -3.85 -7.01
CA ARG A 274 31.53 -3.81 -5.77
C ARG A 274 31.86 -5.05 -4.94
N ILE A 275 32.17 -4.84 -3.67
CA ILE A 275 32.39 -5.93 -2.68
C ILE A 275 31.15 -6.84 -2.70
N SER A 276 31.36 -8.16 -2.61
CA SER A 276 30.30 -9.18 -2.41
C SER A 276 29.84 -9.17 -0.95
N ALA A 277 28.65 -9.70 -0.66
CA ALA A 277 28.13 -9.87 0.73
C ALA A 277 29.15 -10.67 1.56
N GLU A 278 29.71 -11.75 1.02
CA GLU A 278 30.63 -12.69 1.72
C GLU A 278 31.92 -11.95 2.13
N GLU A 279 32.52 -11.18 1.21
CA GLU A 279 33.70 -10.32 1.49
C GLU A 279 33.35 -9.27 2.55
N ALA A 280 32.18 -8.62 2.40
CA ALA A 280 31.70 -7.55 3.30
C ALA A 280 31.61 -8.07 4.74
N LEU A 281 31.13 -9.31 4.93
CA LEU A 281 31.02 -9.93 6.28
C LEU A 281 32.43 -10.16 6.86
N GLN A 282 33.47 -10.25 6.04
CA GLN A 282 34.88 -10.43 6.51
C GLN A 282 35.55 -9.07 6.74
N HIS A 283 34.88 -7.95 6.47
CA HIS A 283 35.44 -6.57 6.58
C HIS A 283 35.78 -6.27 8.04
N PRO A 284 36.86 -5.51 8.34
CA PRO A 284 37.17 -5.09 9.72
C PRO A 284 36.03 -4.38 10.48
N TYR A 285 35.11 -3.73 9.77
CA TYR A 285 33.93 -3.05 10.38
C TYR A 285 33.17 -4.05 11.26
N PHE A 286 33.25 -5.35 10.95
CA PHE A 286 32.51 -6.44 11.65
C PHE A 286 33.41 -7.29 12.56
N SER A 287 34.72 -7.03 12.63
CA SER A 287 35.66 -7.74 13.54
C SER A 287 35.40 -7.30 14.99
N ASP A 288 35.79 -8.13 15.96
CA ASP A 288 35.67 -7.80 17.41
C ASP A 288 36.64 -6.67 17.77
N PHE A 289 37.66 -6.45 16.93
CA PHE A 289 38.81 -5.54 17.17
C PHE A 289 38.56 -4.15 16.56
N CYS A 290 37.35 -3.88 16.04
CA CYS A 290 36.95 -2.59 15.38
C CYS A 290 36.59 -1.52 16.41
N PRO A 291 37.16 -0.29 16.31
CA PRO A 291 36.96 0.74 17.32
C PRO A 291 35.57 1.40 17.27
N LYS B 3 -11.58 2.92 -20.37
CA LYS B 3 -11.59 4.39 -20.60
C LYS B 3 -10.43 5.07 -19.86
N TYR B 4 -9.72 4.33 -19.00
CA TYR B 4 -8.46 4.79 -18.35
C TYR B 4 -7.39 3.71 -18.47
N GLU B 5 -6.21 4.09 -18.99
CA GLU B 5 -5.01 3.22 -19.05
C GLU B 5 -4.21 3.42 -17.76
N LYS B 6 -4.08 2.36 -16.95
CA LYS B 6 -3.31 2.35 -15.68
C LYS B 6 -1.82 2.37 -16.03
N LEU B 7 -1.07 3.32 -15.47
CA LEU B 7 0.39 3.51 -15.74
C LEU B 7 1.20 2.72 -14.71
N GLU B 8 0.88 2.86 -13.42
CA GLU B 8 1.66 2.25 -12.32
C GLU B 8 0.88 2.34 -11.01
N LYS B 9 1.21 1.47 -10.06
CA LYS B 9 0.75 1.46 -8.64
C LYS B 9 1.22 2.74 -7.96
N ILE B 10 0.43 3.25 -7.01
CA ILE B 10 0.83 4.35 -6.07
C ILE B 10 0.84 3.77 -4.65
N VAL B 18 -4.75 1.67 -5.91
CA VAL B 18 -4.57 3.10 -6.26
C VAL B 18 -3.48 3.21 -7.35
N PHE B 19 -3.81 3.81 -8.50
CA PHE B 19 -2.95 3.83 -9.70
C PHE B 19 -2.84 5.25 -10.27
N LYS B 20 -1.68 5.60 -10.83
CA LYS B 20 -1.50 6.69 -11.82
C LYS B 20 -2.10 6.20 -13.13
N ALA B 21 -2.98 6.98 -13.78
CA ALA B 21 -3.70 6.58 -15.01
C ALA B 21 -3.78 7.74 -16.01
N LYS B 22 -4.22 7.42 -17.23
CA LYS B 22 -4.35 8.33 -18.39
C LYS B 22 -5.75 8.14 -19.00
N ASN B 23 -6.56 9.20 -19.05
CA ASN B 23 -7.87 9.22 -19.75
C ASN B 23 -7.62 8.87 -21.22
N ARG B 24 -8.10 7.72 -21.70
CA ARG B 24 -7.83 7.24 -23.09
C ARG B 24 -8.36 8.24 -24.11
N GLU B 25 -9.42 8.99 -23.77
CA GLU B 25 -10.10 9.96 -24.68
C GLU B 25 -9.30 11.28 -24.76
N THR B 26 -9.05 11.92 -23.60
CA THR B 26 -8.51 13.30 -23.48
C THR B 26 -7.02 13.31 -23.18
N HIS B 27 -6.43 12.15 -22.82
CA HIS B 27 -4.99 11.95 -22.51
C HIS B 27 -4.55 12.74 -21.27
N GLU B 28 -5.48 13.02 -20.36
CA GLU B 28 -5.22 13.72 -19.06
C GLU B 28 -4.72 12.70 -18.03
N ILE B 29 -3.70 13.08 -17.24
CA ILE B 29 -3.11 12.26 -16.15
C ILE B 29 -3.97 12.42 -14.89
N VAL B 30 -4.44 11.31 -14.31
CA VAL B 30 -5.33 11.27 -13.12
C VAL B 30 -4.84 10.20 -12.15
N ALA B 31 -5.38 10.21 -10.92
CA ALA B 31 -5.19 9.16 -9.89
C ALA B 31 -6.50 8.37 -9.75
N LEU B 32 -6.43 7.04 -9.81
CA LEU B 32 -7.59 6.11 -9.72
C LEU B 32 -7.51 5.30 -8.43
N LYS B 33 -8.56 5.34 -7.60
CA LYS B 33 -8.72 4.47 -6.41
C LYS B 33 -9.82 3.45 -6.72
N ARG B 34 -9.48 2.16 -6.86
CA ARG B 34 -10.50 1.10 -7.05
C ARG B 34 -10.90 0.56 -5.67
N VAL B 35 -12.21 0.46 -5.45
CA VAL B 35 -12.84 -0.09 -4.22
C VAL B 35 -13.67 -1.32 -4.61
N ARG B 36 -13.26 -2.50 -4.15
CA ARG B 36 -13.97 -3.79 -4.39
C ARG B 36 -15.20 -3.84 -3.47
N LEU B 37 -16.33 -4.32 -3.98
CA LEU B 37 -17.64 -4.38 -3.24
C LEU B 37 -17.75 -5.66 -2.38
N ASP B 38 -16.70 -5.93 -1.58
CA ASP B 38 -16.52 -7.10 -0.66
C ASP B 38 -15.01 -7.37 -0.51
N GLY B 43 -17.85 -3.62 4.82
CA GLY B 43 -17.70 -2.25 5.37
C GLY B 43 -17.05 -1.29 4.39
N VAL B 44 -16.13 -1.77 3.55
CA VAL B 44 -15.26 -0.94 2.66
C VAL B 44 -16.12 0.01 1.83
N PRO B 45 -17.17 -0.48 1.11
CA PRO B 45 -18.00 0.39 0.27
C PRO B 45 -18.62 1.59 1.01
N SER B 46 -19.10 1.36 2.24
CA SER B 46 -19.72 2.37 3.14
C SER B 46 -18.87 3.64 3.20
N SER B 47 -17.56 3.47 3.41
CA SER B 47 -16.59 4.58 3.61
C SER B 47 -16.38 5.33 2.29
N ALA B 48 -16.32 4.59 1.18
CA ALA B 48 -16.05 5.15 -0.17
C ALA B 48 -17.20 6.08 -0.57
N LEU B 49 -18.45 5.66 -0.37
CA LEU B 49 -19.61 6.47 -0.82
C LEU B 49 -19.75 7.72 0.07
N ARG B 50 -19.33 7.64 1.35
CA ARG B 50 -19.25 8.83 2.23
C ARG B 50 -18.24 9.82 1.65
N GLU B 51 -17.04 9.35 1.26
CA GLU B 51 -15.97 10.18 0.65
C GLU B 51 -16.52 10.86 -0.61
N ILE B 52 -17.24 10.10 -1.45
CA ILE B 52 -17.86 10.64 -2.70
C ILE B 52 -18.80 11.80 -2.32
N CYS B 53 -19.73 11.60 -1.39
CA CYS B 53 -20.73 12.60 -0.96
C CYS B 53 -20.06 13.90 -0.47
N LEU B 54 -18.93 13.79 0.23
CA LEU B 54 -18.26 14.94 0.87
C LEU B 54 -17.43 15.70 -0.16
N LEU B 55 -16.62 14.97 -0.95
CA LEU B 55 -15.69 15.56 -1.94
C LEU B 55 -16.46 16.28 -3.06
N LYS B 56 -17.69 15.84 -3.35
CA LYS B 56 -18.58 16.51 -4.35
C LYS B 56 -18.91 17.93 -3.86
N GLU B 57 -18.81 18.17 -2.56
CA GLU B 57 -19.21 19.44 -1.89
C GLU B 57 -17.99 20.18 -1.34
N LEU B 58 -16.76 19.71 -1.64
CA LEU B 58 -15.49 20.33 -1.16
C LEU B 58 -14.60 20.63 -2.38
N LYS B 59 -14.87 21.77 -3.02
CA LYS B 59 -14.12 22.27 -4.20
C LYS B 59 -13.27 23.46 -3.75
N HIS B 60 -11.97 23.21 -3.60
CA HIS B 60 -10.97 24.20 -3.12
C HIS B 60 -9.60 23.79 -3.64
N LYS B 61 -8.74 24.77 -3.94
CA LYS B 61 -7.42 24.55 -4.59
C LYS B 61 -6.52 23.70 -3.68
N ASN B 62 -6.81 23.66 -2.36
CA ASN B 62 -6.03 22.93 -1.32
C ASN B 62 -6.80 21.70 -0.84
N ILE B 63 -7.84 21.27 -1.54
CA ILE B 63 -8.50 19.97 -1.31
C ILE B 63 -8.43 19.18 -2.62
N VAL B 64 -8.08 17.90 -2.54
CA VAL B 64 -7.95 17.00 -3.71
C VAL B 64 -9.28 17.04 -4.47
N ARG B 65 -9.25 17.31 -5.77
CA ARG B 65 -10.43 17.31 -6.67
C ARG B 65 -10.81 15.87 -7.02
N LEU B 66 -12.03 15.44 -6.68
CA LEU B 66 -12.65 14.22 -7.26
C LEU B 66 -13.29 14.61 -8.58
N HIS B 67 -12.79 14.05 -9.70
CA HIS B 67 -13.20 14.39 -11.08
C HIS B 67 -14.45 13.58 -11.47
N ASP B 68 -14.52 12.31 -11.07
CA ASP B 68 -15.57 11.37 -11.55
C ASP B 68 -15.58 10.10 -10.69
N VAL B 69 -16.68 9.35 -10.75
CA VAL B 69 -16.88 8.06 -10.03
C VAL B 69 -17.48 7.04 -10.99
N LEU B 70 -16.72 6.00 -11.34
CA LEU B 70 -17.14 4.93 -12.29
C LEU B 70 -17.54 3.67 -11.51
N HIS B 71 -18.59 3.00 -11.98
CA HIS B 71 -19.06 1.69 -11.47
C HIS B 71 -19.05 0.68 -12.62
N SER B 72 -18.04 -0.21 -12.64
CA SER B 72 -17.87 -1.29 -13.64
C SER B 72 -17.38 -2.57 -12.93
N ASP B 73 -17.84 -3.73 -13.39
CA ASP B 73 -17.64 -5.04 -12.70
C ASP B 73 -18.22 -4.93 -11.29
N LYS B 74 -17.69 -5.66 -10.32
CA LYS B 74 -18.08 -5.55 -8.88
C LYS B 74 -17.09 -4.62 -8.18
N LYS B 75 -16.83 -3.44 -8.77
CA LYS B 75 -15.80 -2.47 -8.30
C LYS B 75 -16.26 -1.02 -8.49
N LEU B 76 -15.75 -0.11 -7.66
CA LEU B 76 -15.98 1.35 -7.73
C LEU B 76 -14.63 2.01 -8.06
N THR B 77 -14.59 2.96 -8.99
CA THR B 77 -13.35 3.72 -9.33
C THR B 77 -13.60 5.21 -9.06
N LEU B 78 -12.87 5.77 -8.09
CA LEU B 78 -12.81 7.23 -7.83
C LEU B 78 -11.69 7.82 -8.70
N VAL B 79 -12.01 8.76 -9.57
CA VAL B 79 -11.01 9.47 -10.42
C VAL B 79 -10.69 10.80 -9.74
N PHE B 80 -9.46 10.95 -9.26
CA PHE B 80 -8.93 12.18 -8.63
C PHE B 80 -7.92 12.85 -9.58
N GLU B 81 -7.70 14.14 -9.41
CA GLU B 81 -6.50 14.83 -9.95
C GLU B 81 -5.26 14.06 -9.50
N PHE B 82 -4.23 14.04 -10.33
CA PHE B 82 -2.91 13.45 -9.99
C PHE B 82 -2.08 14.49 -9.25
N CYS B 83 -1.38 14.06 -8.20
CA CYS B 83 -0.38 14.87 -7.47
C CYS B 83 0.96 14.13 -7.51
N ASP B 84 2.07 14.88 -7.48
CA ASP B 84 3.44 14.40 -7.80
C ASP B 84 3.87 13.41 -6.73
N GLN B 85 3.50 13.67 -5.48
CA GLN B 85 3.85 12.79 -4.33
C GLN B 85 2.97 13.17 -3.13
N ASP B 86 3.18 12.50 -2.00
CA ASP B 86 2.63 12.91 -0.68
C ASP B 86 3.79 13.46 0.15
N LEU B 87 3.49 14.09 1.29
CA LEU B 87 4.47 14.81 2.14
C LEU B 87 5.52 13.83 2.70
N LYS B 88 5.13 12.56 2.86
CA LYS B 88 6.04 11.49 3.36
C LYS B 88 7.18 11.30 2.35
N LYS B 89 6.85 11.14 1.07
CA LYS B 89 7.88 10.97 0.00
C LYS B 89 8.67 12.26 -0.18
N TYR B 90 8.02 13.42 -0.02
CA TYR B 90 8.65 14.76 -0.15
C TYR B 90 9.77 14.90 0.90
N PHE B 91 9.51 14.48 2.14
CA PHE B 91 10.48 14.52 3.26
C PHE B 91 11.70 13.66 2.91
N ASP B 92 11.46 12.47 2.36
CA ASP B 92 12.55 11.56 1.94
C ASP B 92 13.31 12.18 0.75
N SER B 93 12.64 12.96 -0.11
CA SER B 93 13.19 13.55 -1.35
C SER B 93 14.20 14.65 -1.04
N CYS B 94 14.06 15.31 0.11
CA CYS B 94 14.78 16.57 0.43
C CYS B 94 15.44 16.47 1.80
N ASN B 95 15.76 15.26 2.27
CA ASN B 95 16.58 15.04 3.48
C ASN B 95 15.83 15.51 4.73
N GLY B 96 14.48 15.51 4.70
CA GLY B 96 13.61 16.03 5.78
C GLY B 96 13.79 17.52 6.03
N ASP B 97 14.48 18.22 5.12
CA ASP B 97 14.98 19.61 5.30
C ASP B 97 14.22 20.58 4.37
N LEU B 98 13.35 21.41 4.94
CA LEU B 98 12.52 22.41 4.22
C LEU B 98 13.05 23.80 4.53
N ASP B 99 13.13 24.67 3.51
CA ASP B 99 13.36 26.14 3.67
C ASP B 99 12.23 26.70 4.51
N PRO B 100 12.51 27.56 5.52
CA PRO B 100 11.47 28.14 6.37
C PRO B 100 10.22 28.65 5.63
N GLU B 101 10.38 29.13 4.39
CA GLU B 101 9.28 29.68 3.56
C GLU B 101 8.45 28.54 2.97
N ILE B 102 9.02 27.35 2.75
CA ILE B 102 8.26 26.14 2.33
C ILE B 102 7.48 25.60 3.55
N VAL B 103 8.10 25.61 4.73
CA VAL B 103 7.38 25.28 6.00
C VAL B 103 6.13 26.17 6.04
N LYS B 104 6.32 27.49 5.88
CA LYS B 104 5.24 28.52 5.96
C LYS B 104 4.21 28.32 4.83
N SER B 105 4.66 28.02 3.61
CA SER B 105 3.77 27.79 2.44
C SER B 105 2.88 26.57 2.68
N PHE B 106 3.46 25.47 3.18
CA PHE B 106 2.79 24.16 3.36
C PHE B 106 1.76 24.27 4.49
N LEU B 107 2.11 24.85 5.65
CA LEU B 107 1.13 25.00 6.75
C LEU B 107 -0.03 25.88 6.27
N PHE B 108 0.28 26.98 5.58
CA PHE B 108 -0.70 27.96 5.06
C PHE B 108 -1.75 27.24 4.20
N GLN B 109 -1.29 26.41 3.26
CA GLN B 109 -2.17 25.72 2.29
C GLN B 109 -3.00 24.68 3.04
N LEU B 110 -2.38 23.98 4.00
CA LEU B 110 -3.05 22.96 4.85
C LEU B 110 -4.20 23.63 5.61
N LEU B 111 -3.92 24.75 6.29
CA LEU B 111 -4.93 25.49 7.11
C LEU B 111 -6.06 25.99 6.22
N LYS B 112 -5.76 26.43 4.98
CA LYS B 112 -6.78 26.94 4.03
C LYS B 112 -7.71 25.79 3.63
N GLY B 113 -7.16 24.64 3.26
CA GLY B 113 -7.95 23.44 2.92
C GLY B 113 -8.78 22.98 4.09
N LEU B 114 -8.13 22.88 5.27
CA LEU B 114 -8.76 22.51 6.57
C LEU B 114 -9.87 23.51 6.92
N GLY B 115 -9.56 24.81 6.87
CA GLY B 115 -10.51 25.91 7.14
C GLY B 115 -11.71 25.83 6.23
N PHE B 116 -11.50 25.49 4.96
CA PHE B 116 -12.59 25.29 3.98
C PHE B 116 -13.50 24.14 4.45
N CYS B 117 -12.95 22.98 4.82
CA CYS B 117 -13.73 21.80 5.31
C CYS B 117 -14.58 22.16 6.51
N HIS B 118 -13.97 22.79 7.52
CA HIS B 118 -14.62 23.12 8.82
C HIS B 118 -15.79 24.08 8.54
N SER B 119 -15.58 25.10 7.71
CA SER B 119 -16.62 26.10 7.34
C SER B 119 -17.76 25.43 6.53
N ARG B 120 -17.49 24.31 5.86
CA ARG B 120 -18.53 23.54 5.10
C ARG B 120 -19.13 22.45 5.99
N ASN B 121 -18.77 22.43 7.28
CA ASN B 121 -19.31 21.52 8.32
C ASN B 121 -18.84 20.07 8.07
N VAL B 122 -17.56 19.89 7.74
CA VAL B 122 -16.95 18.54 7.55
C VAL B 122 -15.73 18.42 8.47
N LEU B 123 -15.64 17.32 9.22
CA LEU B 123 -14.43 16.89 9.96
C LEU B 123 -13.62 15.95 9.06
N HIS B 124 -12.30 16.10 8.98
CA HIS B 124 -11.42 15.21 8.18
C HIS B 124 -11.14 13.92 8.95
N ARG B 125 -10.51 14.03 10.13
CA ARG B 125 -10.30 12.93 11.12
C ARG B 125 -9.24 11.92 10.64
N ASP B 126 -8.39 12.27 9.67
CA ASP B 126 -7.30 11.37 9.21
C ASP B 126 -6.12 12.19 8.67
N LEU B 127 -5.84 13.37 9.22
CA LEU B 127 -4.65 14.19 8.83
C LEU B 127 -3.38 13.43 9.21
N LYS B 128 -2.51 13.24 8.24
CA LYS B 128 -1.15 12.67 8.40
C LYS B 128 -0.41 12.99 7.11
N PRO B 129 0.95 12.92 7.10
CA PRO B 129 1.72 13.32 5.92
C PRO B 129 1.27 12.61 4.64
N GLN B 130 0.88 11.32 4.71
CA GLN B 130 0.45 10.49 3.55
C GLN B 130 -0.81 11.06 2.90
N ASN B 131 -1.63 11.78 3.66
CA ASN B 131 -2.91 12.37 3.19
C ASN B 131 -2.73 13.83 2.77
N LEU B 132 -1.50 14.37 2.83
CA LEU B 132 -1.12 15.66 2.21
C LEU B 132 -0.40 15.38 0.88
N LEU B 133 -1.00 15.79 -0.23
CA LEU B 133 -0.45 15.60 -1.60
C LEU B 133 0.35 16.86 -1.96
N ILE B 134 1.58 16.68 -2.48
CA ILE B 134 2.51 17.80 -2.84
C ILE B 134 2.79 17.76 -4.34
N ASN B 135 2.65 18.90 -5.01
CA ASN B 135 3.02 19.10 -6.44
C ASN B 135 4.40 19.76 -6.48
N ARG B 136 5.12 19.55 -7.60
CA ARG B 136 6.47 20.10 -7.85
C ARG B 136 6.41 21.63 -7.92
N ASN B 137 5.26 22.20 -8.30
CA ASN B 137 5.05 23.68 -8.36
C ASN B 137 4.83 24.24 -6.94
N GLY B 138 4.80 23.42 -5.90
CA GLY B 138 4.74 23.86 -4.49
C GLY B 138 3.34 23.78 -3.89
N GLU B 139 2.35 23.33 -4.67
CA GLU B 139 0.94 23.20 -4.21
C GLU B 139 0.82 22.04 -3.21
N LEU B 140 -0.05 22.18 -2.21
CA LEU B 140 -0.41 21.10 -1.25
C LEU B 140 -1.93 20.92 -1.30
N LYS B 141 -2.42 19.68 -1.31
CA LYS B 141 -3.86 19.36 -1.26
C LYS B 141 -4.12 18.37 -0.12
N LEU B 142 -5.10 18.67 0.73
CA LEU B 142 -5.67 17.73 1.71
C LEU B 142 -6.42 16.63 0.95
N ALA B 143 -6.11 15.35 1.22
CA ALA B 143 -6.74 14.19 0.56
C ALA B 143 -7.25 13.16 1.59
N ASP B 144 -7.99 12.16 1.09
CA ASP B 144 -8.45 10.95 1.82
C ASP B 144 -9.52 11.34 2.85
N PHE B 145 -10.78 11.38 2.41
CA PHE B 145 -11.97 11.74 3.22
C PHE B 145 -12.76 10.46 3.54
N GLY B 146 -12.08 9.31 3.53
CA GLY B 146 -12.69 7.99 3.80
C GLY B 146 -13.14 7.85 5.23
N LEU B 147 -12.57 8.67 6.14
CA LEU B 147 -12.89 8.69 7.59
C LEU B 147 -13.59 10.00 7.97
N ALA B 148 -13.74 10.93 7.02
CA ALA B 148 -14.40 12.24 7.20
C ALA B 148 -15.89 12.06 7.52
N ARG B 149 -16.53 13.04 8.15
CA ARG B 149 -18.02 13.09 8.24
C ARG B 149 -18.49 14.53 8.39
N ALA B 150 -19.70 14.78 7.91
CA ALA B 150 -20.49 16.00 8.16
C ALA B 150 -20.82 16.07 9.66
N PHE B 151 -20.91 17.26 10.21
CA PHE B 151 -21.39 17.50 11.60
C PHE B 151 -22.36 18.69 11.60
N GLY B 152 -23.22 18.79 12.62
CA GLY B 152 -24.10 19.94 12.82
C GLY B 152 -25.49 19.54 13.30
N ILE B 153 -26.04 18.43 12.77
CA ILE B 153 -27.22 17.73 13.35
C ILE B 153 -26.78 17.14 14.69
N PRO B 154 -27.46 17.46 15.81
CA PRO B 154 -27.05 16.93 17.12
C PRO B 154 -27.16 15.40 17.13
N VAL B 155 -26.17 14.73 17.74
CA VAL B 155 -26.02 13.25 17.73
C VAL B 155 -25.51 12.83 19.12
N ARG B 156 -25.73 11.57 19.51
CA ARG B 156 -25.27 10.99 20.80
C ARG B 156 -23.75 11.17 20.91
N CYS B 157 -23.01 10.79 19.85
CA CYS B 157 -21.54 10.77 19.81
C CYS B 157 -21.03 10.31 18.44
N TYR B 158 -19.76 10.62 18.15
CA TYR B 158 -18.98 10.11 17.00
C TYR B 158 -18.01 9.05 17.54
N SER B 159 -17.52 8.18 16.66
CA SER B 159 -16.51 7.13 16.96
C SER B 159 -15.22 7.79 17.45
N ALA B 160 -14.57 7.16 18.44
CA ALA B 160 -13.21 7.47 18.95
C ALA B 160 -12.16 6.66 18.18
N GLU B 161 -12.58 5.84 17.21
CA GLU B 161 -11.70 5.02 16.34
C GLU B 161 -11.43 5.82 15.07
N VAL B 162 -10.78 6.98 15.24
CA VAL B 162 -10.51 8.00 14.18
C VAL B 162 -9.05 8.47 14.35
N VAL B 163 -8.38 8.78 13.24
CA VAL B 163 -6.98 9.32 13.20
C VAL B 163 -5.99 8.18 13.52
N THR B 164 -4.88 8.10 12.80
CA THR B 164 -3.77 7.16 13.11
C THR B 164 -3.11 7.63 14.41
N LEU B 165 -2.59 6.68 15.19
CA LEU B 165 -2.14 6.86 16.60
C LEU B 165 -1.30 8.12 16.77
N TRP B 166 -0.33 8.36 15.87
CA TRP B 166 0.71 9.39 16.07
C TRP B 166 0.11 10.80 15.92
N TYR B 167 -1.05 10.94 15.26
CA TYR B 167 -1.69 12.25 14.97
C TYR B 167 -2.99 12.44 15.76
N ARG B 168 -3.29 11.50 16.64
CA ARG B 168 -4.55 11.47 17.43
C ARG B 168 -4.36 12.33 18.68
N PRO B 169 -5.32 13.25 18.98
CA PRO B 169 -5.19 14.14 20.11
C PRO B 169 -5.53 13.48 21.45
N PRO B 170 -5.04 14.04 22.58
CA PRO B 170 -5.18 13.39 23.88
C PRO B 170 -6.63 13.08 24.26
N ASP B 171 -7.58 13.94 23.86
CA ASP B 171 -9.01 13.75 24.19
C ASP B 171 -9.50 12.45 23.53
N VAL B 172 -9.08 12.18 22.30
CA VAL B 172 -9.56 10.99 21.53
C VAL B 172 -8.79 9.74 22.00
N LEU B 173 -7.50 9.88 22.35
CA LEU B 173 -6.72 8.82 23.05
C LEU B 173 -7.42 8.40 24.36
N PHE B 174 -8.04 9.34 25.06
CA PHE B 174 -8.79 9.11 26.32
C PHE B 174 -10.24 8.68 26.01
N GLY B 175 -10.56 8.48 24.71
CA GLY B 175 -11.83 7.91 24.25
C GLY B 175 -12.93 8.95 24.04
N ALA B 176 -12.56 10.21 23.78
CA ALA B 176 -13.50 11.32 23.50
C ALA B 176 -14.49 10.89 22.42
N LYS B 177 -15.77 11.12 22.69
CA LYS B 177 -16.91 10.85 21.79
C LYS B 177 -17.46 12.16 21.21
N LEU B 178 -17.10 13.32 21.79
CA LEU B 178 -17.83 14.61 21.60
C LEU B 178 -16.91 15.69 21.02
N TYR B 179 -16.01 15.32 20.10
CA TYR B 179 -15.02 16.26 19.52
C TYR B 179 -15.68 17.10 18.42
N SER B 180 -15.14 18.29 18.17
CA SER B 180 -15.50 19.19 17.04
C SER B 180 -14.32 19.28 16.08
N THR B 181 -14.21 20.39 15.34
CA THR B 181 -13.15 20.67 14.33
C THR B 181 -11.78 20.67 15.01
N SER B 182 -11.71 20.85 16.32
CA SER B 182 -10.46 20.81 17.13
C SER B 182 -9.67 19.52 16.85
N ILE B 183 -10.33 18.39 16.53
CA ILE B 183 -9.65 17.09 16.32
C ILE B 183 -8.57 17.24 15.23
N ASP B 184 -8.90 17.94 14.14
CA ASP B 184 -8.04 18.10 12.94
C ASP B 184 -6.89 19.07 13.28
N MET B 185 -7.16 20.07 14.13
CA MET B 185 -6.20 21.15 14.45
C MET B 185 -5.03 20.56 15.26
N TRP B 186 -5.26 19.54 16.09
CA TRP B 186 -4.14 18.83 16.79
C TRP B 186 -3.23 18.15 15.75
N SER B 187 -3.82 17.42 14.80
CA SER B 187 -3.07 16.73 13.73
C SER B 187 -2.22 17.74 12.95
N ALA B 188 -2.81 18.93 12.67
CA ALA B 188 -2.16 20.06 11.96
C ALA B 188 -0.92 20.53 12.74
N GLY B 189 -1.04 20.68 14.06
CA GLY B 189 0.08 21.01 14.96
C GLY B 189 1.19 19.99 14.81
N CYS B 190 0.87 18.70 14.90
CA CYS B 190 1.84 17.58 14.79
C CYS B 190 2.59 17.67 13.45
N ILE B 191 1.85 17.96 12.37
CA ILE B 191 2.40 18.07 10.98
C ILE B 191 3.30 19.31 10.88
N PHE B 192 2.88 20.44 11.44
CA PHE B 192 3.68 21.70 11.51
C PHE B 192 5.06 21.38 12.11
N ALA B 193 5.09 20.61 13.20
CA ALA B 193 6.33 20.25 13.93
C ALA B 193 7.26 19.43 13.01
N GLU B 194 6.70 18.56 12.16
CA GLU B 194 7.48 17.74 11.19
C GLU B 194 8.10 18.66 10.13
N LEU B 195 7.30 19.57 9.56
CA LEU B 195 7.76 20.56 8.54
C LEU B 195 8.93 21.38 9.09
N ALA B 196 8.84 21.79 10.37
CA ALA B 196 9.72 22.79 11.01
C ALA B 196 10.93 22.14 11.70
N ASN B 197 11.08 20.81 11.62
CA ASN B 197 12.33 20.13 12.09
C ASN B 197 12.93 19.37 10.90
N ALA B 198 12.89 18.03 10.92
CA ALA B 198 13.59 17.15 9.96
C ALA B 198 12.62 16.12 9.38
N GLY B 199 11.33 16.45 9.33
CA GLY B 199 10.28 15.62 8.72
C GLY B 199 9.87 14.40 9.55
N ARG B 200 10.24 14.35 10.85
CA ARG B 200 9.98 13.16 11.72
C ARG B 200 8.80 13.42 12.65
N PRO B 201 7.92 12.41 12.87
CA PRO B 201 6.76 12.54 13.74
C PRO B 201 7.20 12.92 15.16
N LEU B 202 6.49 13.90 15.75
CA LEU B 202 6.81 14.46 17.07
C LEU B 202 6.49 13.41 18.15
N PHE B 203 5.39 12.66 18.02
CA PHE B 203 4.86 11.74 19.06
C PHE B 203 4.69 10.34 18.49
N PRO B 204 5.79 9.60 18.24
CA PRO B 204 5.69 8.26 17.64
C PRO B 204 5.44 7.16 18.67
N GLY B 205 4.26 7.11 19.28
CA GLY B 205 3.92 6.14 20.33
C GLY B 205 3.81 4.71 19.79
N ASN B 206 4.02 3.73 20.67
CA ASN B 206 3.88 2.28 20.38
C ASN B 206 2.41 1.85 20.48
N ASP B 207 1.64 2.56 21.31
CA ASP B 207 0.23 2.24 21.68
C ASP B 207 -0.38 3.48 22.33
N VAL B 208 -1.65 3.42 22.70
CA VAL B 208 -2.42 4.57 23.28
C VAL B 208 -1.70 5.08 24.54
N ASP B 209 -1.34 4.18 25.45
CA ASP B 209 -0.70 4.54 26.74
C ASP B 209 0.61 5.28 26.49
N ASP B 210 1.44 4.78 25.57
CA ASP B 210 2.78 5.34 25.25
C ASP B 210 2.58 6.69 24.55
N GLN B 211 1.54 6.79 23.71
CA GLN B 211 1.22 8.00 22.92
C GLN B 211 0.93 9.16 23.89
N LEU B 212 0.12 8.91 24.92
CA LEU B 212 -0.23 9.91 25.95
C LEU B 212 1.04 10.30 26.73
N LYS B 213 1.88 9.31 27.09
CA LYS B 213 3.13 9.57 27.86
C LYS B 213 4.03 10.50 27.05
N ARG B 214 4.18 10.27 25.74
CA ARG B 214 5.08 11.08 24.87
C ARG B 214 4.56 12.51 24.73
N ILE B 215 3.25 12.68 24.60
CA ILE B 215 2.60 14.03 24.53
C ILE B 215 2.87 14.75 25.85
N PHE B 216 2.52 14.12 26.97
CA PHE B 216 2.59 14.74 28.33
C PHE B 216 4.06 14.99 28.70
N ARG B 217 4.98 14.11 28.29
CA ARG B 217 6.43 14.24 28.59
C ARG B 217 6.98 15.52 27.94
N LEU B 218 6.45 15.98 26.79
CA LEU B 218 6.94 17.18 26.08
C LEU B 218 6.17 18.44 26.54
N LEU B 219 4.83 18.38 26.56
CA LEU B 219 3.95 19.55 26.78
C LEU B 219 3.65 19.72 28.27
N GLY B 220 3.96 18.70 29.07
CA GLY B 220 3.54 18.63 30.48
C GLY B 220 2.18 17.96 30.59
N THR B 221 1.92 17.23 31.68
CA THR B 221 0.63 16.58 31.98
C THR B 221 -0.41 17.66 32.29
N PRO B 222 -1.54 17.71 31.54
CA PRO B 222 -2.53 18.74 31.75
C PRO B 222 -3.04 18.74 33.20
N THR B 223 -3.13 19.93 33.77
CA THR B 223 -3.66 20.17 35.14
C THR B 223 -5.18 20.32 35.04
N GLU B 224 -5.88 20.26 36.18
CA GLU B 224 -7.34 20.55 36.27
C GLU B 224 -7.58 21.97 35.73
N GLU B 225 -6.62 22.89 35.97
CA GLU B 225 -6.68 24.32 35.55
C GLU B 225 -6.66 24.41 34.02
N GLN B 226 -5.74 23.72 33.36
CA GLN B 226 -5.57 23.71 31.87
C GLN B 226 -6.74 22.98 31.19
N TRP B 227 -7.25 21.90 31.79
CA TRP B 227 -8.19 20.97 31.13
C TRP B 227 -9.16 20.36 32.14
N PRO B 228 -10.16 21.14 32.61
CA PRO B 228 -11.06 20.67 33.68
C PRO B 228 -11.97 19.49 33.33
N SER B 229 -12.24 19.22 32.05
CA SER B 229 -13.16 18.14 31.60
C SER B 229 -12.39 16.84 31.30
N MET B 230 -11.05 16.87 31.36
CA MET B 230 -10.15 15.71 31.11
C MET B 230 -10.66 14.47 31.87
N THR B 231 -11.00 14.64 33.15
CA THR B 231 -11.35 13.54 34.10
C THR B 231 -12.73 12.97 33.75
N LYS B 232 -13.52 13.68 32.93
CA LYS B 232 -14.87 13.26 32.45
C LYS B 232 -14.76 12.38 31.20
N LEU B 233 -13.58 12.12 30.65
CA LEU B 233 -13.46 11.34 29.39
C LEU B 233 -13.65 9.86 29.70
N PRO B 234 -14.31 9.10 28.79
CA PRO B 234 -14.59 7.67 29.01
C PRO B 234 -13.44 6.80 29.52
N ASP B 235 -12.24 6.92 28.93
CA ASP B 235 -11.08 6.05 29.23
C ASP B 235 -10.03 6.84 30.01
N TYR B 236 -10.44 7.89 30.73
CA TYR B 236 -9.52 8.74 31.54
C TYR B 236 -8.91 7.91 32.68
N LYS B 237 -7.62 8.08 32.91
CA LYS B 237 -6.91 7.59 34.13
C LYS B 237 -5.81 8.59 34.44
N PRO B 238 -5.42 8.79 35.71
CA PRO B 238 -4.30 9.68 36.03
C PRO B 238 -2.98 9.19 35.38
N TYR B 239 -2.23 10.10 34.79
CA TYR B 239 -0.84 9.85 34.32
C TYR B 239 0.13 10.53 35.28
N PRO B 240 1.40 10.10 35.32
CA PRO B 240 2.43 10.81 36.07
C PRO B 240 2.45 12.29 35.64
N MET B 241 2.78 13.19 36.56
CA MET B 241 2.83 14.65 36.30
C MET B 241 4.23 15.00 35.76
N TYR B 242 4.36 15.05 34.43
CA TYR B 242 5.59 15.53 33.74
C TYR B 242 5.54 17.05 33.71
N PRO B 243 6.70 17.73 33.90
CA PRO B 243 6.73 19.20 33.84
C PRO B 243 6.54 19.72 32.41
N ALA B 244 5.91 20.88 32.28
CA ALA B 244 5.51 21.52 31.00
C ALA B 244 6.62 22.43 30.46
N THR B 245 7.82 22.42 31.07
CA THR B 245 8.77 23.57 31.07
C THR B 245 9.59 23.67 29.77
N THR B 246 9.40 22.74 28.83
CA THR B 246 10.02 22.79 27.47
C THR B 246 9.41 23.96 26.68
N SER B 247 10.26 24.85 26.16
CA SER B 247 9.87 26.03 25.35
C SER B 247 9.54 25.60 23.91
N LEU B 248 10.19 24.53 23.42
CA LEU B 248 9.99 23.90 22.09
C LEU B 248 11.09 24.34 21.11
N VAL B 249 12.07 25.13 21.57
CA VAL B 249 13.15 25.69 20.71
C VAL B 249 13.86 24.56 19.96
N ASN B 250 14.22 23.49 20.69
CA ASN B 250 15.04 22.36 20.18
C ASN B 250 14.18 21.43 19.32
N VAL B 251 12.87 21.43 19.56
CA VAL B 251 11.89 20.53 18.87
C VAL B 251 11.60 21.07 17.46
N VAL B 252 11.54 22.39 17.30
CA VAL B 252 11.28 23.05 15.98
C VAL B 252 12.33 24.14 15.76
N PRO B 253 13.59 23.77 15.46
CA PRO B 253 14.67 24.76 15.34
C PRO B 253 14.53 25.69 14.12
N LYS B 254 13.68 25.34 13.14
CA LYS B 254 13.44 26.15 11.91
C LYS B 254 12.41 27.26 12.17
N LEU B 255 11.75 27.26 13.33
CA LEU B 255 10.75 28.31 13.70
C LEU B 255 11.38 29.35 14.63
N ASN B 256 11.08 30.63 14.37
CA ASN B 256 11.30 31.77 15.30
C ASN B 256 10.17 31.75 16.35
N ALA B 257 10.20 32.69 17.30
CA ALA B 257 9.22 32.83 18.40
C ALA B 257 7.78 32.85 17.86
N THR B 258 7.56 33.52 16.72
CA THR B 258 6.22 33.67 16.09
C THR B 258 5.67 32.31 15.66
N GLY B 259 6.46 31.55 14.90
CA GLY B 259 6.12 30.16 14.52
C GLY B 259 5.84 29.32 15.76
N ARG B 260 6.73 29.39 16.76
CA ARG B 260 6.63 28.58 18.00
C ARG B 260 5.32 28.91 18.71
N ASP B 261 4.90 30.19 18.70
CA ASP B 261 3.63 30.62 19.31
C ASP B 261 2.46 29.96 18.59
N LEU B 262 2.46 29.94 17.25
CA LEU B 262 1.36 29.29 16.48
C LEU B 262 1.35 27.78 16.81
N LEU B 263 2.54 27.14 16.89
CA LEU B 263 2.65 25.68 17.18
C LEU B 263 2.03 25.37 18.54
N GLN B 264 2.23 26.23 19.54
CA GLN B 264 1.72 26.00 20.92
C GLN B 264 0.20 26.18 20.95
N ASN B 265 -0.35 27.00 20.04
CA ASN B 265 -1.81 27.27 19.96
C ASN B 265 -2.52 26.09 19.28
N LEU B 266 -1.80 25.30 18.49
CA LEU B 266 -2.35 24.10 17.79
C LEU B 266 -2.25 22.90 18.72
N LEU B 267 -1.15 22.75 19.46
CA LEU B 267 -0.87 21.57 20.31
C LEU B 267 -1.28 21.83 21.77
N LYS B 268 -2.49 22.36 22.00
CA LYS B 268 -3.15 22.36 23.33
C LYS B 268 -3.84 21.00 23.52
N CYS B 269 -3.60 20.36 24.66
CA CYS B 269 -4.24 19.06 25.05
C CYS B 269 -5.75 19.22 25.18
N ASN B 270 -6.19 20.27 25.89
CA ASN B 270 -7.60 20.70 25.99
C ASN B 270 -8.11 21.11 24.60
N PRO B 271 -9.00 20.31 23.96
CA PRO B 271 -9.44 20.60 22.59
C PRO B 271 -10.03 22.00 22.44
N VAL B 272 -10.71 22.49 23.47
CA VAL B 272 -11.41 23.81 23.43
C VAL B 272 -10.40 24.94 23.25
N GLN B 273 -9.14 24.72 23.65
CA GLN B 273 -8.07 25.74 23.62
C GLN B 273 -7.27 25.67 22.31
N ARG B 274 -7.56 24.71 21.44
CA ARG B 274 -6.85 24.60 20.13
C ARG B 274 -7.38 25.67 19.20
N ILE B 275 -6.50 26.56 18.73
CA ILE B 275 -6.78 27.58 17.68
C ILE B 275 -7.46 26.90 16.50
N SER B 276 -8.48 27.55 15.92
CA SER B 276 -9.17 27.13 14.68
C SER B 276 -8.27 27.44 13.48
N ALA B 277 -8.53 26.78 12.35
CA ALA B 277 -7.87 27.03 11.05
C ALA B 277 -7.95 28.53 10.71
N GLU B 278 -9.15 29.12 10.82
CA GLU B 278 -9.44 30.53 10.40
C GLU B 278 -8.62 31.50 11.25
N GLU B 279 -8.58 31.32 12.57
CA GLU B 279 -7.76 32.15 13.50
C GLU B 279 -6.27 31.99 13.16
N ALA B 280 -5.83 30.75 12.94
CA ALA B 280 -4.43 30.39 12.61
C ALA B 280 -3.98 31.13 11.35
N LEU B 281 -4.83 31.24 10.33
CA LEU B 281 -4.51 31.96 9.07
C LEU B 281 -4.34 33.46 9.34
N GLN B 282 -4.91 34.00 10.43
CA GLN B 282 -4.77 35.44 10.79
C GLN B 282 -3.52 35.65 11.67
N HIS B 283 -2.82 34.59 12.05
CA HIS B 283 -1.66 34.64 13.00
C HIS B 283 -0.53 35.47 12.39
N PRO B 284 0.26 36.23 13.21
CA PRO B 284 1.41 36.98 12.71
C PRO B 284 2.44 36.17 11.91
N TYR B 285 2.55 34.86 12.18
CA TYR B 285 3.45 33.92 11.45
C TYR B 285 3.21 34.05 9.94
N PHE B 286 2.00 34.44 9.52
CA PHE B 286 1.56 34.53 8.10
C PHE B 286 1.40 35.99 7.62
N SER B 287 2.01 36.98 8.26
CA SER B 287 1.93 38.40 7.85
C SER B 287 2.73 38.64 6.56
N ASP B 288 2.60 37.75 5.57
CA ASP B 288 3.46 37.66 4.35
C ASP B 288 4.92 37.42 4.78
N ALA C 48 19.94 -26.33 -31.23
CA ALA C 48 20.10 -24.97 -30.64
C ALA C 48 18.94 -24.05 -31.05
N SER C 49 18.05 -24.45 -31.96
CA SER C 49 16.95 -23.60 -32.51
C SER C 49 15.67 -23.79 -31.67
N THR C 50 14.88 -22.72 -31.51
CA THR C 50 13.61 -22.72 -30.73
C THR C 50 12.62 -23.72 -31.35
N SER C 51 12.40 -23.63 -32.66
CA SER C 51 11.54 -24.56 -33.45
C SER C 51 11.96 -26.01 -33.22
N GLU C 52 13.27 -26.29 -33.33
CA GLU C 52 13.89 -27.63 -33.14
C GLU C 52 13.57 -28.15 -31.75
N LEU C 53 13.65 -27.30 -30.71
CA LEU C 53 13.46 -27.72 -29.28
C LEU C 53 11.97 -27.80 -28.95
N LEU C 54 11.13 -26.91 -29.51
CA LEU C 54 9.65 -26.98 -29.38
C LEU C 54 9.14 -28.29 -30.02
N ARG C 55 9.77 -28.73 -31.11
CA ARG C 55 9.42 -30.00 -31.82
C ARG C 55 9.77 -31.19 -30.93
N CYS C 56 10.94 -31.17 -30.28
CA CYS C 56 11.38 -32.20 -29.30
C CYS C 56 10.36 -32.26 -28.15
N LEU C 57 9.99 -31.12 -27.59
CA LEU C 57 9.01 -31.07 -26.47
C LEU C 57 7.70 -31.71 -26.91
N GLY C 58 7.22 -31.34 -28.11
CA GLY C 58 5.96 -31.87 -28.68
C GLY C 58 6.04 -33.37 -28.84
N GLU C 59 7.18 -33.86 -29.29
CA GLU C 59 7.36 -35.30 -29.58
C GLU C 59 7.43 -36.00 -28.23
N PHE C 60 8.06 -35.36 -27.25
CA PHE C 60 8.13 -35.85 -25.85
C PHE C 60 6.72 -36.05 -25.29
N LEU C 61 5.85 -35.07 -25.49
CA LEU C 61 4.47 -35.07 -24.92
C LEU C 61 3.62 -36.15 -25.58
N CYS C 62 3.76 -36.35 -26.88
CA CYS C 62 3.05 -37.40 -27.66
C CYS C 62 3.44 -38.80 -27.18
N ARG C 63 4.71 -39.00 -26.82
CA ARG C 63 5.26 -40.30 -26.32
C ARG C 63 4.85 -40.51 -24.86
N ARG C 64 4.91 -39.47 -24.03
CA ARG C 64 4.51 -39.54 -22.60
C ARG C 64 3.02 -39.86 -22.48
N CYS C 65 2.16 -39.15 -23.22
CA CYS C 65 0.68 -39.17 -23.09
C CYS C 65 0.08 -40.18 -24.10
N TYR C 66 0.32 -41.47 -23.88
CA TYR C 66 0.07 -42.58 -24.83
C TYR C 66 -1.44 -42.78 -25.06
N ARG C 67 -2.31 -42.34 -24.15
CA ARG C 67 -3.79 -42.48 -24.27
C ARG C 67 -4.34 -41.52 -25.32
N LEU C 68 -3.56 -40.52 -25.74
CA LEU C 68 -4.03 -39.40 -26.61
C LEU C 68 -3.74 -39.77 -28.06
N LYS C 69 -4.68 -40.47 -28.69
CA LYS C 69 -4.52 -41.13 -30.02
C LYS C 69 -4.48 -40.08 -31.13
N HIS C 70 -5.23 -38.97 -30.98
CA HIS C 70 -5.39 -37.90 -32.01
C HIS C 70 -4.65 -36.60 -31.61
N LEU C 71 -3.72 -36.63 -30.65
CA LEU C 71 -2.78 -35.53 -30.36
C LEU C 71 -1.63 -35.55 -31.38
N SER C 72 -1.34 -34.38 -31.96
CA SER C 72 -0.24 -34.13 -32.92
C SER C 72 0.94 -33.48 -32.20
N PRO C 73 2.21 -33.79 -32.56
CA PRO C 73 3.37 -33.15 -31.93
C PRO C 73 3.46 -31.64 -32.20
N THR C 74 2.64 -31.12 -33.14
CA THR C 74 2.58 -29.67 -33.47
C THR C 74 1.53 -28.95 -32.60
N ASP C 75 0.60 -29.70 -31.97
CA ASP C 75 -0.50 -29.14 -31.15
C ASP C 75 0.06 -28.43 -29.93
N PRO C 76 0.98 -29.05 -29.16
CA PRO C 76 1.64 -28.34 -28.06
C PRO C 76 2.34 -27.06 -28.54
N VAL C 77 3.04 -27.14 -29.68
CA VAL C 77 3.80 -25.99 -30.26
C VAL C 77 2.82 -24.85 -30.58
N LEU C 78 1.68 -25.16 -31.17
CA LEU C 78 0.62 -24.17 -31.52
C LEU C 78 0.08 -23.53 -30.24
N TRP C 79 -0.11 -24.30 -29.17
CA TRP C 79 -0.66 -23.78 -27.89
C TRP C 79 0.33 -22.80 -27.26
N LEU C 80 1.62 -23.12 -27.28
CA LEU C 80 2.73 -22.33 -26.66
C LEU C 80 2.94 -21.03 -27.45
N ARG C 81 3.02 -21.13 -28.79
CA ARG C 81 3.27 -19.97 -29.70
C ARG C 81 2.09 -19.01 -29.64
N SER C 82 0.86 -19.52 -29.62
CA SER C 82 -0.39 -18.74 -29.49
C SER C 82 -0.31 -17.79 -28.27
N VAL C 83 0.10 -18.32 -27.12
CA VAL C 83 0.20 -17.56 -25.84
C VAL C 83 1.26 -16.47 -26.01
N ASP C 84 2.46 -16.84 -26.48
CA ASP C 84 3.61 -15.90 -26.63
C ASP C 84 3.17 -14.74 -27.54
N ARG C 85 2.56 -15.04 -28.68
CA ARG C 85 2.09 -14.03 -29.66
C ARG C 85 1.08 -13.11 -29.00
N SER C 86 0.08 -13.70 -28.32
CA SER C 86 -1.05 -12.98 -27.71
C SER C 86 -0.55 -11.93 -26.71
N LEU C 87 0.39 -12.32 -25.84
CA LEU C 87 0.99 -11.45 -24.79
C LEU C 87 1.78 -10.32 -25.46
N LEU C 88 2.48 -10.64 -26.56
CA LEU C 88 3.28 -9.65 -27.34
C LEU C 88 2.34 -8.59 -27.94
N LEU C 89 1.28 -9.02 -28.64
CA LEU C 89 0.34 -8.12 -29.38
C LEU C 89 -0.50 -7.29 -28.41
N GLN C 90 -0.75 -7.77 -27.18
CA GLN C 90 -1.49 -7.02 -26.14
C GLN C 90 -0.51 -6.21 -25.28
N GLY C 91 0.78 -6.20 -25.67
CA GLY C 91 1.82 -5.36 -25.05
C GLY C 91 2.02 -5.68 -23.58
N TRP C 92 1.94 -6.96 -23.23
CA TRP C 92 2.33 -7.49 -21.89
C TRP C 92 3.85 -7.72 -21.86
N GLN C 93 4.52 -7.73 -23.01
CA GLN C 93 5.99 -7.97 -23.10
C GLN C 93 6.53 -7.35 -24.39
N ASP C 94 7.81 -6.99 -24.37
CA ASP C 94 8.56 -6.34 -25.49
C ASP C 94 9.04 -7.40 -26.47
N GLN C 95 9.50 -8.53 -25.94
CA GLN C 95 10.06 -9.67 -26.71
C GLN C 95 9.29 -10.95 -26.33
N GLY C 96 9.34 -11.96 -27.20
CA GLY C 96 8.76 -13.29 -26.93
C GLY C 96 9.54 -13.95 -25.82
N PHE C 97 8.84 -14.72 -24.98
CA PHE C 97 9.41 -15.49 -23.84
C PHE C 97 10.07 -16.77 -24.37
N ILE C 98 9.59 -17.32 -25.49
CA ILE C 98 9.95 -18.69 -25.95
C ILE C 98 11.33 -18.61 -26.60
N THR C 99 12.36 -19.05 -25.87
CA THR C 99 13.79 -19.06 -26.26
C THR C 99 14.32 -20.45 -26.00
N PRO C 100 15.51 -20.83 -26.51
CA PRO C 100 16.04 -22.18 -26.24
C PRO C 100 16.05 -22.52 -24.75
N ALA C 101 16.64 -21.67 -23.91
CA ALA C 101 16.76 -21.87 -22.45
C ALA C 101 15.38 -22.07 -21.81
N ASN C 102 14.40 -21.23 -22.16
CA ASN C 102 13.07 -21.24 -21.52
C ASN C 102 12.30 -22.50 -21.94
N VAL C 103 12.51 -22.97 -23.18
CA VAL C 103 11.90 -24.25 -23.65
C VAL C 103 12.50 -25.41 -22.85
N VAL C 104 13.82 -25.39 -22.63
CA VAL C 104 14.53 -26.37 -21.75
C VAL C 104 13.89 -26.34 -20.34
N PHE C 105 13.71 -25.16 -19.76
CA PHE C 105 13.13 -24.98 -18.40
C PHE C 105 11.72 -25.58 -18.40
N LEU C 106 10.93 -25.30 -19.43
CA LEU C 106 9.53 -25.79 -19.60
C LEU C 106 9.51 -27.32 -19.67
N TYR C 107 10.48 -27.93 -20.36
CA TYR C 107 10.60 -29.41 -20.52
C TYR C 107 10.88 -30.04 -19.15
N MET C 108 11.80 -29.43 -18.41
CA MET C 108 12.21 -29.83 -17.03
C MET C 108 10.94 -29.99 -16.17
N LEU C 109 10.03 -29.01 -16.21
CA LEU C 109 8.75 -29.04 -15.45
C LEU C 109 7.84 -30.15 -16.02
N CYS C 110 7.61 -30.12 -17.34
CA CYS C 110 6.69 -31.05 -18.06
C CYS C 110 7.03 -32.51 -17.74
N ARG C 111 8.30 -32.87 -17.80
CA ARG C 111 8.70 -34.30 -17.76
C ARG C 111 8.42 -34.86 -16.36
N ASP C 112 8.45 -34.02 -15.32
CA ASP C 112 8.19 -34.43 -13.92
C ASP C 112 6.71 -34.23 -13.57
N VAL C 113 6.00 -33.31 -14.22
CA VAL C 113 4.61 -32.96 -13.81
C VAL C 113 3.59 -33.76 -14.65
N ILE C 114 3.88 -34.02 -15.92
CA ILE C 114 2.81 -34.45 -16.86
C ILE C 114 2.70 -35.97 -16.79
N SER C 115 1.59 -36.46 -16.22
CA SER C 115 1.27 -37.89 -16.03
C SER C 115 1.19 -38.58 -17.39
N SER C 116 1.66 -39.81 -17.46
CA SER C 116 1.46 -40.65 -18.67
C SER C 116 -0.04 -40.94 -18.83
N GLU C 117 -0.84 -40.73 -17.78
CA GLU C 117 -2.27 -41.17 -17.74
C GLU C 117 -3.23 -39.99 -18.04
N VAL C 118 -2.74 -38.88 -18.60
CA VAL C 118 -3.60 -37.76 -19.05
C VAL C 118 -4.62 -38.29 -20.06
N GLY C 119 -5.91 -37.95 -19.87
CA GLY C 119 -7.06 -38.66 -20.45
C GLY C 119 -7.70 -37.92 -21.62
N SER C 120 -7.31 -36.67 -21.87
CA SER C 120 -7.83 -35.85 -22.99
C SER C 120 -6.79 -34.80 -23.38
N ASP C 121 -6.78 -34.44 -24.67
CA ASP C 121 -5.98 -33.32 -25.23
C ASP C 121 -6.26 -32.04 -24.42
N HIS C 122 -7.52 -31.81 -24.03
CA HIS C 122 -7.93 -30.64 -23.21
C HIS C 122 -7.12 -30.62 -21.91
N GLU C 123 -7.13 -31.74 -21.15
CA GLU C 123 -6.37 -31.91 -19.89
C GLU C 123 -4.87 -31.67 -20.11
N LEU C 124 -4.28 -32.22 -21.18
CA LEU C 124 -2.84 -31.99 -21.48
C LEU C 124 -2.60 -30.48 -21.68
N GLN C 125 -3.47 -29.81 -22.43
CA GLN C 125 -3.33 -28.36 -22.69
C GLN C 125 -3.35 -27.59 -21.36
N ALA C 126 -4.26 -27.93 -20.45
CA ALA C 126 -4.42 -27.27 -19.13
C ALA C 126 -3.15 -27.45 -18.30
N VAL C 127 -2.55 -28.65 -18.29
CA VAL C 127 -1.33 -28.92 -17.46
C VAL C 127 -0.12 -28.24 -18.12
N LEU C 128 0.01 -28.32 -19.46
CA LEU C 128 1.14 -27.68 -20.19
C LEU C 128 1.09 -26.17 -19.98
N LEU C 129 -0.09 -25.55 -20.04
CA LEU C 129 -0.24 -24.09 -19.86
C LEU C 129 -0.05 -23.71 -18.38
N THR C 130 -0.30 -24.62 -17.44
CA THR C 130 0.05 -24.42 -16.01
C THR C 130 1.56 -24.36 -15.84
N CYS C 131 2.29 -25.32 -16.43
CA CYS C 131 3.78 -25.35 -16.44
C CYS C 131 4.33 -24.12 -17.17
N LEU C 132 3.68 -23.68 -18.25
CA LEU C 132 4.11 -22.48 -19.02
C LEU C 132 3.93 -21.21 -18.16
N TYR C 133 2.77 -21.05 -17.52
CA TYR C 133 2.43 -19.91 -16.62
C TYR C 133 3.51 -19.76 -15.54
N LEU C 134 3.91 -20.87 -14.93
CA LEU C 134 4.97 -20.94 -13.90
C LEU C 134 6.33 -20.61 -14.52
N SER C 135 6.58 -21.05 -15.75
CA SER C 135 7.81 -20.70 -16.51
C SER C 135 7.87 -19.19 -16.74
N TYR C 136 6.79 -18.58 -17.25
CA TYR C 136 6.70 -17.11 -17.44
C TYR C 136 6.99 -16.42 -16.12
N SER C 137 6.32 -16.88 -15.05
CA SER C 137 6.33 -16.29 -13.69
C SER C 137 7.69 -16.43 -13.03
N TYR C 138 8.51 -17.43 -13.38
CA TYR C 138 9.81 -17.67 -12.71
C TYR C 138 10.96 -17.08 -13.54
N MET C 139 10.90 -17.23 -14.87
CA MET C 139 12.01 -16.93 -15.79
C MET C 139 11.72 -15.71 -16.67
N GLY C 140 10.46 -15.23 -16.72
CA GLY C 140 10.05 -14.12 -17.59
C GLY C 140 10.57 -12.78 -17.10
N ASN C 141 10.99 -11.92 -18.03
CA ASN C 141 11.65 -10.61 -17.76
C ASN C 141 10.66 -9.54 -17.31
N GLU C 142 9.36 -9.74 -17.49
CA GLU C 142 8.31 -8.79 -17.03
C GLU C 142 7.98 -9.14 -15.58
N ILE C 143 7.53 -8.15 -14.82
CA ILE C 143 7.28 -8.28 -13.35
C ILE C 143 6.17 -9.33 -13.13
N SER C 144 5.21 -9.40 -14.06
CA SER C 144 3.93 -10.12 -13.92
C SER C 144 3.34 -10.44 -15.30
N TYR C 145 2.40 -11.39 -15.34
CA TYR C 145 1.75 -11.92 -16.57
C TYR C 145 0.30 -12.26 -16.24
N PRO C 146 -0.66 -11.94 -17.13
CA PRO C 146 -2.06 -12.21 -16.84
C PRO C 146 -2.39 -13.71 -17.01
N LEU C 147 -3.45 -14.15 -16.35
CA LEU C 147 -3.91 -15.56 -16.30
C LEU C 147 -4.61 -15.95 -17.61
N LYS C 148 -5.39 -15.03 -18.20
CA LYS C 148 -6.39 -15.28 -19.27
C LYS C 148 -5.84 -16.18 -20.37
N PRO C 149 -4.67 -15.88 -20.99
CA PRO C 149 -4.14 -16.72 -22.06
C PRO C 149 -3.76 -18.16 -21.67
N PHE C 150 -3.58 -18.43 -20.37
CA PHE C 150 -3.11 -19.73 -19.83
C PHE C 150 -4.28 -20.56 -19.28
N LEU C 151 -5.45 -19.96 -19.12
CA LEU C 151 -6.63 -20.64 -18.52
C LEU C 151 -7.49 -21.22 -19.65
N VAL C 152 -7.66 -22.55 -19.68
CA VAL C 152 -8.51 -23.27 -20.68
C VAL C 152 -9.59 -24.10 -19.96
N GLU C 153 -9.65 -24.04 -18.63
CA GLU C 153 -10.64 -24.73 -17.76
C GLU C 153 -11.72 -23.75 -17.35
N SER C 154 -12.93 -24.24 -17.10
CA SER C 154 -14.06 -23.45 -16.52
C SER C 154 -13.90 -23.39 -14.99
N CYS C 155 -13.24 -24.39 -14.40
CA CYS C 155 -12.92 -24.50 -12.95
C CYS C 155 -11.56 -23.86 -12.66
N LYS C 156 -11.56 -22.60 -12.19
CA LYS C 156 -10.36 -21.82 -11.84
C LYS C 156 -9.67 -22.42 -10.60
N GLU C 157 -10.45 -22.93 -9.62
CA GLU C 157 -9.91 -23.59 -8.40
C GLU C 157 -8.92 -24.69 -8.80
N ALA C 158 -9.24 -25.49 -9.83
CA ALA C 158 -8.41 -26.62 -10.30
C ALA C 158 -7.09 -26.10 -10.89
N PHE C 159 -7.11 -24.97 -11.60
CA PHE C 159 -5.89 -24.32 -12.16
C PHE C 159 -4.95 -23.87 -11.04
N TRP C 160 -5.46 -23.22 -10.00
CA TRP C 160 -4.63 -22.66 -8.89
C TRP C 160 -4.04 -23.77 -8.01
N ASP C 161 -4.80 -24.84 -7.75
CA ASP C 161 -4.35 -26.01 -6.95
C ASP C 161 -3.19 -26.70 -7.67
N ARG C 162 -3.22 -26.73 -9.00
CA ARG C 162 -2.19 -27.39 -9.83
C ARG C 162 -0.94 -26.49 -9.85
N CYS C 163 -1.11 -25.16 -9.85
CA CYS C 163 0.03 -24.21 -9.69
C CYS C 163 0.77 -24.55 -8.40
N LEU C 164 0.06 -24.59 -7.28
CA LEU C 164 0.61 -24.80 -5.91
C LEU C 164 1.21 -26.21 -5.84
N SER C 165 0.54 -27.19 -6.44
CA SER C 165 1.00 -28.59 -6.52
C SER C 165 2.35 -28.65 -7.28
N VAL C 166 2.47 -27.99 -8.42
CA VAL C 166 3.71 -28.04 -9.26
C VAL C 166 4.85 -27.34 -8.51
N ILE C 167 4.57 -26.20 -7.88
CA ILE C 167 5.60 -25.42 -7.13
C ILE C 167 6.15 -26.29 -5.99
N ASN C 168 5.27 -26.98 -5.25
CA ASN C 168 5.64 -27.90 -4.15
C ASN C 168 6.56 -28.99 -4.72
N LEU C 169 6.26 -29.55 -5.89
CA LEU C 169 7.09 -30.61 -6.51
C LEU C 169 8.40 -30.04 -7.05
N MET C 170 8.37 -28.88 -7.72
CA MET C 170 9.46 -28.45 -8.65
C MET C 170 10.25 -27.23 -8.15
N SER C 171 9.83 -26.53 -7.09
CA SER C 171 10.48 -25.25 -6.67
C SER C 171 11.99 -25.45 -6.56
N SER C 172 12.41 -26.59 -6.00
CA SER C 172 13.84 -26.90 -5.76
C SER C 172 14.60 -27.05 -7.10
N LYS C 173 14.03 -27.77 -8.06
CA LYS C 173 14.67 -28.00 -9.40
C LYS C 173 14.62 -26.72 -10.25
N MET C 174 13.58 -25.91 -10.09
CA MET C 174 13.46 -24.59 -10.75
C MET C 174 14.69 -23.72 -10.38
N LEU C 175 15.11 -23.73 -9.12
CA LEU C 175 16.32 -22.97 -8.67
C LEU C 175 17.57 -23.69 -9.17
N GLN C 176 17.58 -25.02 -9.10
CA GLN C 176 18.79 -25.86 -9.39
C GLN C 176 19.19 -25.73 -10.87
N ILE C 177 18.23 -25.70 -11.81
CA ILE C 177 18.54 -25.63 -13.27
C ILE C 177 19.26 -24.31 -13.55
N ASN C 178 18.99 -23.27 -12.76
CA ASN C 178 19.69 -21.96 -12.84
C ASN C 178 21.04 -22.05 -12.11
N ALA C 179 21.07 -22.55 -10.89
CA ALA C 179 22.26 -22.52 -9.99
C ALA C 179 23.35 -23.47 -10.51
N ASP C 180 22.96 -24.56 -11.17
CA ASP C 180 23.84 -25.71 -11.51
C ASP C 180 23.93 -25.84 -13.04
N PRO C 181 24.98 -25.30 -13.70
CA PRO C 181 25.10 -25.38 -15.15
C PRO C 181 25.12 -26.82 -15.70
N HIS C 182 25.78 -27.74 -15.01
CA HIS C 182 25.84 -29.19 -15.35
C HIS C 182 24.41 -29.75 -15.48
N TYR C 183 23.50 -29.40 -14.58
CA TYR C 183 22.09 -29.86 -14.59
C TYR C 183 21.36 -29.25 -15.79
N PHE C 184 21.60 -27.98 -16.12
CA PHE C 184 21.04 -27.32 -17.33
C PHE C 184 21.40 -28.12 -18.58
N THR C 185 22.68 -28.52 -18.71
CA THR C 185 23.21 -29.29 -19.85
C THR C 185 22.53 -30.67 -19.93
N GLN C 186 22.46 -31.39 -18.81
CA GLN C 186 21.74 -32.69 -18.71
C GLN C 186 20.35 -32.53 -19.32
N VAL C 187 19.57 -31.57 -18.83
CA VAL C 187 18.15 -31.34 -19.25
C VAL C 187 18.11 -31.01 -20.76
N PHE C 188 19.06 -30.21 -21.24
CA PHE C 188 19.18 -29.72 -22.63
C PHE C 188 19.43 -30.92 -23.55
N SER C 189 20.43 -31.74 -23.20
CA SER C 189 20.76 -33.05 -23.84
C SER C 189 19.52 -33.93 -23.91
N ASP C 190 18.85 -34.13 -22.76
CA ASP C 190 17.70 -35.06 -22.64
C ASP C 190 16.61 -34.62 -23.62
N LEU C 191 16.33 -33.31 -23.70
CA LEU C 191 15.29 -32.74 -24.61
C LEU C 191 15.68 -32.99 -26.07
N LYS C 192 16.94 -32.80 -26.41
CA LYS C 192 17.44 -33.01 -27.80
C LYS C 192 17.33 -34.50 -28.18
N ASN C 193 17.39 -35.42 -27.21
CA ASN C 193 17.31 -36.89 -27.43
C ASN C 193 15.87 -37.39 -27.37
N GLU C 194 14.88 -36.49 -27.52
CA GLU C 194 13.43 -36.81 -27.51
C GLU C 194 12.91 -36.91 -28.95
N SER C 195 13.74 -36.65 -29.97
CA SER C 195 13.42 -36.88 -31.40
C SER C 195 14.12 -38.17 -31.88
N SER D 49 -41.22 11.82 19.64
CA SER D 49 -40.49 10.58 20.04
C SER D 49 -40.23 9.67 18.83
N THR D 50 -39.45 8.62 19.04
CA THR D 50 -39.02 7.63 18.01
C THR D 50 -40.24 7.00 17.35
N SER D 51 -41.17 6.46 18.16
CA SER D 51 -42.44 5.83 17.73
C SER D 51 -43.23 6.78 16.84
N GLU D 52 -43.38 8.04 17.30
CA GLU D 52 -44.13 9.12 16.60
C GLU D 52 -43.53 9.35 15.21
N LEU D 53 -42.19 9.39 15.10
CA LEU D 53 -41.48 9.72 13.83
C LEU D 53 -41.38 8.49 12.92
N LEU D 54 -41.23 7.29 13.50
CA LEU D 54 -41.27 6.00 12.74
C LEU D 54 -42.67 5.81 12.12
N ARG D 55 -43.72 6.27 12.80
CA ARG D 55 -45.11 6.22 12.28
C ARG D 55 -45.27 7.17 11.08
N CYS D 56 -44.73 8.39 11.16
CA CYS D 56 -45.02 9.56 10.27
C CYS D 56 -44.97 9.18 8.77
N LEU D 57 -43.82 8.74 8.26
CA LEU D 57 -43.55 8.57 6.81
C LEU D 57 -44.05 7.19 6.34
N CYS D 65 -46.35 6.22 -2.52
CA CYS D 65 -46.54 4.92 -3.22
C CYS D 65 -47.99 4.45 -3.07
N TYR D 66 -48.93 5.14 -3.70
CA TYR D 66 -50.40 4.90 -3.61
C TYR D 66 -50.77 3.57 -4.29
N ARG D 67 -49.91 3.05 -5.17
CA ARG D 67 -50.17 1.89 -6.07
C ARG D 67 -50.22 0.57 -5.29
N LEU D 68 -49.71 0.53 -4.06
CA LEU D 68 -49.70 -0.69 -3.20
C LEU D 68 -50.98 -0.76 -2.34
N LYS D 69 -51.70 -1.89 -2.43
CA LYS D 69 -52.93 -2.19 -1.65
C LYS D 69 -52.60 -2.35 -0.15
N HIS D 70 -51.43 -2.90 0.17
CA HIS D 70 -50.98 -3.25 1.55
C HIS D 70 -49.81 -2.33 1.98
N LEU D 71 -49.80 -1.06 1.55
CA LEU D 71 -48.90 0.00 2.11
C LEU D 71 -49.52 0.52 3.41
N SER D 72 -48.72 0.58 4.47
CA SER D 72 -49.07 1.14 5.81
C SER D 72 -47.92 2.03 6.26
N PRO D 73 -48.12 2.89 7.29
CA PRO D 73 -46.99 3.50 8.00
C PRO D 73 -46.38 2.61 9.11
N THR D 74 -47.12 1.64 9.66
CA THR D 74 -46.69 0.78 10.80
C THR D 74 -45.97 -0.48 10.31
N ASP D 75 -46.15 -0.88 9.05
CA ASP D 75 -45.62 -2.13 8.46
C ASP D 75 -44.15 -1.97 8.07
N PRO D 76 -43.74 -0.88 7.38
CA PRO D 76 -42.32 -0.64 7.08
C PRO D 76 -41.44 -0.66 8.33
N VAL D 77 -41.94 -0.12 9.46
CA VAL D 77 -41.27 -0.05 10.79
C VAL D 77 -40.72 -1.43 11.19
N LEU D 78 -41.45 -2.51 10.95
CA LEU D 78 -41.05 -3.89 11.35
C LEU D 78 -39.73 -4.29 10.66
N TRP D 79 -39.57 -3.96 9.37
CA TRP D 79 -38.33 -4.21 8.57
C TRP D 79 -37.11 -3.59 9.24
N LEU D 80 -37.24 -2.32 9.64
CA LEU D 80 -36.12 -1.43 10.07
C LEU D 80 -35.65 -1.83 11.47
N ARG D 81 -36.55 -2.17 12.40
CA ARG D 81 -36.21 -2.60 13.79
C ARG D 81 -35.39 -3.89 13.76
N SER D 82 -35.82 -4.86 12.96
CA SER D 82 -35.14 -6.17 12.79
C SER D 82 -33.68 -5.96 12.38
N VAL D 83 -33.41 -5.06 11.43
CA VAL D 83 -32.05 -4.73 10.93
C VAL D 83 -31.22 -4.16 12.08
N ASP D 84 -31.73 -3.13 12.75
CA ASP D 84 -31.01 -2.41 13.83
C ASP D 84 -30.63 -3.42 14.92
N ARG D 85 -31.58 -4.28 15.33
CA ARG D 85 -31.37 -5.32 16.37
C ARG D 85 -30.29 -6.30 15.91
N SER D 86 -30.36 -6.79 14.66
CA SER D 86 -29.43 -7.79 14.08
C SER D 86 -27.98 -7.29 14.17
N LEU D 87 -27.75 -6.02 13.79
CA LEU D 87 -26.40 -5.37 13.80
C LEU D 87 -25.93 -5.25 15.26
N LEU D 88 -26.83 -4.91 16.18
CA LEU D 88 -26.57 -4.81 17.64
C LEU D 88 -26.09 -6.17 18.17
N LEU D 89 -26.86 -7.25 17.93
CA LEU D 89 -26.61 -8.60 18.49
C LEU D 89 -25.35 -9.23 17.86
N GLN D 90 -24.98 -8.83 16.64
CA GLN D 90 -23.73 -9.30 15.96
C GLN D 90 -22.57 -8.37 16.33
N GLY D 91 -22.81 -7.38 17.19
CA GLY D 91 -21.78 -6.49 17.77
C GLY D 91 -21.06 -5.68 16.73
N TRP D 92 -21.73 -5.26 15.65
CA TRP D 92 -21.16 -4.31 14.65
C TRP D 92 -21.52 -2.87 15.05
N GLN D 93 -22.30 -2.69 16.12
CA GLN D 93 -22.54 -1.35 16.74
C GLN D 93 -22.88 -1.53 18.24
N ASP D 94 -22.57 -0.51 19.05
CA ASP D 94 -22.75 -0.48 20.52
C ASP D 94 -24.21 -0.12 20.85
N GLN D 95 -24.78 0.84 20.11
CA GLN D 95 -26.17 1.33 20.26
C GLN D 95 -26.90 1.21 18.92
N GLY D 96 -28.23 1.23 18.96
CA GLY D 96 -29.08 1.29 17.75
C GLY D 96 -28.86 2.59 17.01
N PHE D 97 -28.93 2.54 15.67
CA PHE D 97 -28.81 3.72 14.77
C PHE D 97 -30.13 4.50 14.75
N ILE D 98 -31.26 3.82 14.96
CA ILE D 98 -32.65 4.37 14.84
C ILE D 98 -32.89 5.42 15.94
N THR D 99 -32.79 6.71 15.58
CA THR D 99 -33.00 7.89 16.47
C THR D 99 -33.85 8.92 15.74
N PRO D 100 -34.45 9.89 16.47
CA PRO D 100 -35.22 10.97 15.84
C PRO D 100 -34.50 11.63 14.66
N ALA D 101 -33.28 12.12 14.88
CA ALA D 101 -32.45 12.85 13.90
C ALA D 101 -32.24 11.99 12.64
N ASN D 102 -31.89 10.71 12.82
CA ASN D 102 -31.52 9.80 11.71
C ASN D 102 -32.77 9.50 10.86
N VAL D 103 -33.94 9.40 11.50
CA VAL D 103 -35.24 9.20 10.79
C VAL D 103 -35.53 10.45 9.94
N VAL D 104 -35.30 11.64 10.49
CA VAL D 104 -35.41 12.94 9.76
C VAL D 104 -34.50 12.90 8.54
N PHE D 105 -33.23 12.53 8.71
CA PHE D 105 -32.22 12.47 7.62
C PHE D 105 -32.73 11.50 6.54
N LEU D 106 -33.25 10.34 6.96
CA LEU D 106 -33.80 9.27 6.06
C LEU D 106 -34.95 9.82 5.22
N TYR D 107 -35.85 10.61 5.83
CA TYR D 107 -37.03 11.20 5.17
C TYR D 107 -36.57 12.19 4.10
N MET D 108 -35.57 13.02 4.44
CA MET D 108 -34.96 14.04 3.56
C MET D 108 -34.57 13.38 2.23
N LEU D 109 -33.89 12.23 2.30
CA LEU D 109 -33.45 11.45 1.11
C LEU D 109 -34.67 10.84 0.40
N CYS D 110 -35.52 10.13 1.15
CA CYS D 110 -36.73 9.44 0.61
C CYS D 110 -37.59 10.39 -0.24
N ARG D 111 -37.83 11.61 0.25
CA ARG D 111 -38.73 12.62 -0.38
C ARG D 111 -38.29 12.93 -1.81
N ASP D 112 -36.98 12.97 -2.08
CA ASP D 112 -36.41 13.20 -3.44
C ASP D 112 -36.17 11.85 -4.12
N GLU D 117 -42.51 5.49 -8.98
CA GLU D 117 -43.36 4.71 -9.92
C GLU D 117 -43.31 3.21 -9.56
N VAL D 118 -43.26 2.91 -8.26
CA VAL D 118 -43.03 1.54 -7.71
C VAL D 118 -44.38 0.94 -7.28
N GLY D 119 -44.43 -0.39 -7.17
CA GLY D 119 -45.65 -1.13 -6.76
C GLY D 119 -45.39 -2.62 -6.52
N SER D 120 -44.37 -2.96 -5.73
CA SER D 120 -44.09 -4.36 -5.32
C SER D 120 -43.30 -4.39 -4.02
N ASP D 121 -43.52 -5.45 -3.22
CA ASP D 121 -42.75 -5.75 -1.98
C ASP D 121 -41.26 -5.80 -2.32
N HIS D 122 -40.90 -6.37 -3.48
CA HIS D 122 -39.52 -6.42 -4.02
C HIS D 122 -38.91 -5.01 -3.98
N GLU D 123 -39.55 -4.07 -4.68
CA GLU D 123 -38.92 -2.79 -5.09
C GLU D 123 -38.87 -1.83 -3.89
N LEU D 124 -39.99 -1.61 -3.18
CA LEU D 124 -40.05 -0.51 -2.18
C LEU D 124 -39.08 -0.80 -1.04
N GLN D 125 -39.05 -2.03 -0.53
CA GLN D 125 -38.15 -2.41 0.59
C GLN D 125 -36.70 -2.24 0.15
N ALA D 126 -36.36 -2.63 -1.09
CA ALA D 126 -34.99 -2.52 -1.65
C ALA D 126 -34.56 -1.04 -1.71
N VAL D 127 -35.44 -0.13 -2.14
CA VAL D 127 -35.10 1.33 -2.25
C VAL D 127 -35.02 1.95 -0.84
N LEU D 128 -35.93 1.59 0.06
CA LEU D 128 -35.93 2.10 1.47
C LEU D 128 -34.63 1.67 2.15
N LEU D 129 -34.20 0.42 1.98
CA LEU D 129 -32.96 -0.12 2.60
C LEU D 129 -31.72 0.47 1.90
N THR D 130 -31.82 0.89 0.64
CA THR D 130 -30.74 1.65 -0.06
C THR D 130 -30.57 3.01 0.61
N CYS D 131 -31.67 3.74 0.84
CA CYS D 131 -31.68 5.04 1.55
C CYS D 131 -31.20 4.86 3.00
N LEU D 132 -31.56 3.76 3.65
CA LEU D 132 -31.12 3.44 5.04
C LEU D 132 -29.60 3.19 5.07
N TYR D 133 -29.09 2.37 4.15
CA TYR D 133 -27.65 2.03 4.00
C TYR D 133 -26.83 3.32 3.87
N LEU D 134 -27.29 4.26 3.03
CA LEU D 134 -26.66 5.60 2.82
C LEU D 134 -26.76 6.42 4.11
N SER D 135 -27.87 6.31 4.85
CA SER D 135 -28.07 7.00 6.16
C SER D 135 -27.05 6.45 7.17
N TYR D 136 -26.92 5.12 7.31
CA TYR D 136 -25.92 4.48 8.18
C TYR D 136 -24.53 4.99 7.80
N SER D 137 -24.24 4.99 6.50
CA SER D 137 -22.92 5.29 5.90
C SER D 137 -22.55 6.77 6.05
N TYR D 138 -23.53 7.68 6.14
CA TYR D 138 -23.27 9.14 6.20
C TYR D 138 -23.31 9.63 7.66
N MET D 139 -24.28 9.15 8.45
CA MET D 139 -24.60 9.67 9.81
C MET D 139 -24.29 8.66 10.92
N GLY D 140 -23.97 7.40 10.58
CA GLY D 140 -23.68 6.34 11.57
C GLY D 140 -22.32 6.54 12.23
N ASN D 141 -22.23 6.28 13.53
CA ASN D 141 -21.03 6.59 14.36
C ASN D 141 -19.98 5.48 14.22
N GLU D 142 -20.31 4.33 13.61
CA GLU D 142 -19.30 3.27 13.31
C GLU D 142 -18.63 3.61 11.98
N ILE D 143 -17.37 3.21 11.81
CA ILE D 143 -16.54 3.59 10.62
C ILE D 143 -17.17 2.97 9.36
N SER D 144 -17.80 1.80 9.49
CA SER D 144 -18.34 1.00 8.35
C SER D 144 -19.51 0.10 8.80
N TYR D 145 -20.28 -0.43 7.84
CA TYR D 145 -21.47 -1.30 8.10
C TYR D 145 -21.56 -2.42 7.07
N PRO D 146 -21.75 -3.68 7.52
CA PRO D 146 -21.71 -4.83 6.63
C PRO D 146 -22.99 -4.97 5.80
N LEU D 147 -22.89 -5.61 4.62
CA LEU D 147 -23.89 -5.50 3.52
C LEU D 147 -25.09 -6.43 3.79
N LYS D 148 -24.84 -7.65 4.28
CA LYS D 148 -25.82 -8.78 4.25
C LYS D 148 -27.17 -8.35 4.81
N PRO D 149 -27.26 -7.73 6.00
CA PRO D 149 -28.54 -7.30 6.56
C PRO D 149 -29.31 -6.24 5.76
N PHE D 150 -28.66 -5.55 4.83
CA PHE D 150 -29.25 -4.45 4.01
C PHE D 150 -29.66 -4.93 2.62
N LEU D 151 -29.20 -6.10 2.20
CA LEU D 151 -29.41 -6.62 0.82
C LEU D 151 -30.65 -7.51 0.80
N VAL D 152 -31.66 -7.14 0.01
CA VAL D 152 -32.94 -7.91 -0.15
C VAL D 152 -33.14 -8.29 -1.62
N GLU D 153 -32.22 -7.92 -2.53
CA GLU D 153 -32.22 -8.32 -3.96
C GLU D 153 -31.24 -9.49 -4.15
N SER D 154 -31.47 -10.36 -5.15
CA SER D 154 -30.48 -11.37 -5.60
C SER D 154 -29.51 -10.71 -6.59
N CYS D 155 -29.97 -9.69 -7.31
CA CYS D 155 -29.20 -8.94 -8.35
C CYS D 155 -28.55 -7.69 -7.72
N LYS D 156 -27.28 -7.80 -7.36
CA LYS D 156 -26.54 -6.80 -6.54
C LYS D 156 -26.25 -5.55 -7.38
N GLU D 157 -25.94 -5.72 -8.67
CA GLU D 157 -25.41 -4.62 -9.53
C GLU D 157 -26.38 -3.43 -9.52
N ALA D 158 -27.69 -3.69 -9.60
CA ALA D 158 -28.77 -2.68 -9.65
C ALA D 158 -28.79 -1.86 -8.35
N PHE D 159 -28.58 -2.51 -7.21
CA PHE D 159 -28.54 -1.90 -5.85
C PHE D 159 -27.44 -0.82 -5.77
N TRP D 160 -26.22 -1.13 -6.25
CA TRP D 160 -25.04 -0.25 -6.10
C TRP D 160 -25.18 1.01 -7.00
N ASP D 161 -25.69 0.87 -8.22
CA ASP D 161 -25.82 2.00 -9.18
C ASP D 161 -26.89 2.98 -8.67
N ARG D 162 -27.87 2.51 -7.89
CA ARG D 162 -28.92 3.38 -7.29
C ARG D 162 -28.30 4.18 -6.15
N CYS D 163 -27.37 3.59 -5.39
CA CYS D 163 -26.56 4.30 -4.37
C CYS D 163 -25.84 5.48 -5.04
N LEU D 164 -25.10 5.23 -6.12
CA LEU D 164 -24.31 6.26 -6.86
C LEU D 164 -25.26 7.31 -7.45
N SER D 165 -26.42 6.88 -7.97
CA SER D 165 -27.47 7.77 -8.53
C SER D 165 -27.98 8.72 -7.43
N VAL D 166 -28.30 8.20 -6.24
CA VAL D 166 -28.85 9.00 -5.11
C VAL D 166 -27.79 10.00 -4.64
N ILE D 167 -26.53 9.57 -4.51
CA ILE D 167 -25.41 10.43 -4.03
C ILE D 167 -25.23 11.61 -4.99
N ASN D 168 -25.24 11.35 -6.30
CA ASN D 168 -25.13 12.39 -7.35
C ASN D 168 -26.28 13.40 -7.16
N LEU D 169 -27.50 12.94 -6.91
CA LEU D 169 -28.69 13.83 -6.70
C LEU D 169 -28.58 14.58 -5.37
N MET D 170 -28.21 13.91 -4.28
CA MET D 170 -28.50 14.36 -2.89
C MET D 170 -27.25 14.77 -2.10
N SER D 171 -26.03 14.53 -2.59
CA SER D 171 -24.77 14.78 -1.84
C SER D 171 -24.80 16.19 -1.25
N SER D 172 -25.26 17.17 -2.03
CA SER D 172 -25.30 18.60 -1.64
C SER D 172 -26.24 18.82 -0.45
N LYS D 173 -27.45 18.26 -0.49
CA LYS D 173 -28.48 18.44 0.57
C LYS D 173 -28.09 17.61 1.80
N MET D 174 -27.44 16.47 1.61
CA MET D 174 -26.93 15.62 2.73
C MET D 174 -25.97 16.44 3.61
N LEU D 175 -25.10 17.26 3.01
CA LEU D 175 -24.18 18.15 3.77
C LEU D 175 -24.98 19.33 4.33
N GLN D 176 -25.91 19.88 3.55
CA GLN D 176 -26.66 21.12 3.91
C GLN D 176 -27.54 20.90 5.15
N ILE D 177 -28.21 19.74 5.28
CA ILE D 177 -29.09 19.42 6.44
C ILE D 177 -28.25 19.42 7.73
N ASN D 178 -26.96 19.10 7.63
CA ASN D 178 -25.99 19.15 8.76
C ASN D 178 -25.49 20.59 8.95
N ALA D 179 -25.06 21.26 7.88
CA ALA D 179 -24.41 22.59 7.95
C ALA D 179 -25.42 23.68 8.36
N ASP D 180 -26.70 23.50 8.02
CA ASP D 180 -27.76 24.55 8.09
C ASP D 180 -28.83 24.09 9.07
N PRO D 181 -28.82 24.56 10.34
CA PRO D 181 -29.82 24.17 11.33
C PRO D 181 -31.27 24.48 10.90
N HIS D 182 -31.50 25.63 10.25
CA HIS D 182 -32.80 26.07 9.69
C HIS D 182 -33.38 24.99 8.77
N TYR D 183 -32.54 24.40 7.92
CA TYR D 183 -32.93 23.34 6.94
C TYR D 183 -33.33 22.07 7.70
N PHE D 184 -32.58 21.69 8.75
CA PHE D 184 -32.91 20.53 9.63
C PHE D 184 -34.32 20.69 10.20
N THR D 185 -34.65 21.88 10.71
CA THR D 185 -35.96 22.21 11.35
C THR D 185 -37.07 22.09 10.30
N GLN D 186 -36.89 22.70 9.12
CA GLN D 186 -37.84 22.61 7.99
C GLN D 186 -38.19 21.14 7.74
N VAL D 187 -37.17 20.30 7.54
CA VAL D 187 -37.33 18.85 7.21
C VAL D 187 -38.07 18.15 8.36
N PHE D 188 -37.72 18.48 9.61
CA PHE D 188 -38.28 17.88 10.86
C PHE D 188 -39.78 18.18 10.91
N SER D 189 -40.13 19.45 10.76
CA SER D 189 -41.53 19.96 10.70
C SER D 189 -42.29 19.23 9.59
N ASP D 190 -41.73 19.18 8.37
CA ASP D 190 -42.39 18.58 7.18
C ASP D 190 -42.72 17.11 7.48
N LEU D 191 -41.79 16.36 8.09
CA LEU D 191 -41.98 14.93 8.43
C LEU D 191 -43.13 14.78 9.45
N LYS D 192 -43.16 15.66 10.46
CA LYS D 192 -44.20 15.61 11.53
C LYS D 192 -45.59 15.90 10.93
N ASN D 193 -45.65 16.68 9.83
CA ASN D 193 -46.92 17.07 9.16
C ASN D 193 -47.28 16.07 8.06
N GLU D 194 -46.76 14.84 8.09
CA GLU D 194 -46.95 13.80 7.03
C GLU D 194 -48.38 13.24 7.05
N SER D 195 -48.95 13.02 8.24
CA SER D 195 -50.34 12.53 8.44
C SER D 195 -51.25 13.71 8.86
C4 63I E . 6.83 -6.97 2.80
C5 63I E . 5.37 -7.40 2.58
C6 63I E . 4.98 -7.04 1.15
C7 63I E . 5.09 -5.53 1.01
C8 63I E . 5.20 -8.90 2.85
C13 63I E . 6.04 -10.67 6.09
C15 63I E . 5.90 -9.83 8.38
C17 63I E . 5.20 -7.67 8.83
C20 63I E . 5.53 -4.62 8.74
C21 63I E . 5.35 -3.25 8.64
C22 63I E . 4.52 -2.57 9.54
C24 63I E . 4.03 -4.66 10.60
C28 63I E . 4.36 0.91 8.72
C1 63I E . 6.58 -3.67 0.94
N2 63I E . 6.49 -5.12 1.16
C3 63I E . 7.02 -5.48 2.48
C9 63I E . 3.77 -9.30 2.48
O10 63I E . 6.11 -9.68 2.05
C11 63I E . 5.40 -9.17 4.33
C12 63I E . 5.86 -10.41 4.75
C14 63I E . 5.74 -9.65 7.00
N16 63I E . 5.65 -8.86 9.22
N18 63I E . 4.98 -6.74 9.87
C19 63I E . 4.86 -5.35 9.71
C23 63I E . 3.84 -3.30 10.52
F25 63I E . 3.39 -5.37 11.55
N26 63I E . 4.31 -1.19 9.42
C27 63I E . 4.92 -0.31 8.56
C29 63I E . 3.37 0.80 9.70
N30 63I E . 3.32 -0.45 10.09
C31 63I E . 4.98 -7.40 7.48
C32 63I E . 5.27 -8.40 6.53
N33 63I E . 5.12 -8.23 5.21
C1 PGE F . 2.74 -1.35 0.02
O1 PGE F . 4.12 -1.05 0.21
C2 PGE F . 2.48 -2.83 -0.08
O2 PGE F . 1.36 -3.19 0.73
C3 PGE F . 1.69 -3.85 1.93
C4 PGE F . 2.37 -2.91 2.89
O4 PGE F . 6.25 -3.64 5.33
C6 PGE F . 4.90 -4.05 5.23
C5 PGE F . 4.03 -3.01 4.58
O3 PGE F . 2.87 -3.61 4.02
C1 EDO G . 5.70 -23.18 1.82
O1 EDO G . 4.80 -23.86 0.95
C2 EDO G . 6.35 -24.09 2.81
O2 EDO G . 7.77 -23.94 2.86
C1 EDO H . 8.74 -15.50 16.05
O1 EDO H . 7.95 -14.79 15.12
C2 EDO H . 10.03 -15.99 15.49
O2 EDO H . 11.08 -15.99 16.43
C1 EDO I . 12.13 -28.97 -1.11
O1 EDO I . 13.04 -27.91 -1.39
C2 EDO I . 10.98 -28.52 -0.31
O2 EDO I . 9.96 -29.50 -0.19
C1 EDO J . 28.37 -8.10 15.08
O1 EDO J . 29.56 -8.11 14.32
C2 EDO J . 27.98 -6.72 15.47
O2 EDO J . 26.61 -6.47 15.25
C1 EDO K . 20.15 -10.92 17.23
O1 EDO K . 20.55 -9.98 16.26
C2 EDO K . 19.84 -10.31 18.54
O2 EDO K . 19.58 -8.92 18.46
C1 EDO L . 14.89 -19.03 12.11
O1 EDO L . 15.77 -20.10 11.79
C2 EDO L . 13.99 -18.68 10.98
O2 EDO L . 12.86 -17.93 11.39
C1 EDO M . 34.44 3.57 -9.38
O1 EDO M . 33.66 2.49 -9.86
C2 EDO M . 33.66 4.80 -9.00
O2 EDO M . 32.69 4.58 -7.99
C1 EDO N . 0.48 2.16 1.28
O1 EDO N . 1.49 1.39 0.65
C2 EDO N . 0.53 2.13 2.76
O2 EDO N . 0.38 0.83 3.30
C4 63I O . -4.54 9.14 -0.37
C5 63I O . -5.11 7.95 -1.15
C6 63I O . -5.78 7.01 -0.16
C7 63I O . -4.75 6.51 0.86
C8 63I O . -6.12 8.42 -2.21
C13 63I O . -5.73 11.08 -4.88
C15 63I O . -3.71 11.77 -6.11
C17 63I O . -1.65 10.76 -5.70
C20 63I O . 0.83 10.14 -3.97
C21 63I O . 1.88 9.49 -3.34
C22 63I O . 2.85 8.80 -4.09
C24 63I O . 1.69 9.44 -6.11
C28 63I O . 5.37 7.40 -1.99
C1 63I O . -3.12 7.15 2.53
N2 63I O . -4.08 7.63 1.53
C3 63I O . -3.49 8.60 0.60
C9 63I O . -6.71 7.21 -2.94
O10 63I O . -7.19 9.09 -1.54
C11 63I O . -5.48 9.32 -3.25
C12 63I O . -6.28 10.25 -3.93
C14 63I O . -4.35 10.96 -5.16
N16 63I O . -2.43 11.65 -6.34
N18 63I O . -0.30 10.76 -6.07
C19 63I O . 0.72 10.11 -5.36
C23 63I O . 2.74 8.78 -5.47
F25 63I O . 1.59 9.42 -7.45
N26 63I O . 3.92 8.12 -3.46
C27 63I O . 4.31 8.23 -2.17
C29 63I O . 5.63 6.75 -3.20
N30 63I O . 4.76 7.18 -4.07
C31 63I O . -2.20 9.90 -4.74
C32 63I O . -3.58 9.99 -4.44
N33 63I O . -4.18 9.22 -3.53
C1 EDO P . -7.14 -39.42 -15.39
O1 EDO P . -8.03 -40.11 -16.25
C2 EDO P . -6.57 -38.18 -15.99
O2 EDO P . -5.38 -37.76 -15.34
#